data_8ULZ
#
_entry.id   8ULZ
#
_cell.length_a   119.371
_cell.length_b   177.771
_cell.length_c   234.998
_cell.angle_alpha   90.00
_cell.angle_beta   90.00
_cell.angle_gamma   90.00
#
_symmetry.space_group_name_H-M   'I 2 2 2'
#
loop_
_entity.id
_entity.type
_entity.pdbx_description
1 polymer 'Zinc finger protein SNAI1'
2 polymer 'Lysine-specific histone demethylase 1A'
3 polymer 'REST corepressor 1'
4 non-polymer '[(2R,3S,4R,5R)-5-(6-amino-9H-purin-9-yl)-3,4-dihydroxyoxolan-2-yl]methyl (2R,3S,4S)-5-[(1R,3S,3aS,13R)-3-(3-benzamidophenyl)-1-hydroxy-10,11-dimethyl-4,6-dioxo-2,3,5,6-tetrahydro-1H-benzo[g]pyrrolo[2,1-e]pteridin-8(4H)-yl]-2,3,4-trihydroxypentyl dihydrogen diphosphate (non-preferred name)'
#
loop_
_entity_poly.entity_id
_entity_poly.type
_entity_poly.pdbx_seq_one_letter_code
_entity_poly.pdbx_strand_id
1 'polypeptide(L)' PRSFLVRKP C
2 'polypeptide(L)'
;GSSHHHHHHSSGLVPRGSHMLSGKKAAAAAAAAAAAATGTEAGPGTAGGSENGSEVAAQPAGLSGPAEVGPGAVGERTPR
KKEPPRASPPGGLAEPPGSAGPQAGPTVVPGSATPMETGIAETPEGRRTSRRKRAKVEYREMDESLANLSEDEYYSEEER
NAKAEKEKKLPPPPPQAPPEEENESEPEEPSGVEGAAFQSRLPHDRMTSQEAACFPDIISGPQQTQKVFLFIRNRTLQLW
LDNPKIQLTFEATLQQLEAPYNSDTVLVHRVHSYLERHGLINFGIYKRIKPLPTKKTGKVIIIGSGVSGLAAARQLQSFG
MDVTLLEARDRVGGRVATFRKGNYVADLGAMVVTGLGGNPMAVVSKQVNMELAKIKQKCPLYEANGQAVPKEKDEMVEQE
FNRLLEATSYLSHQLDFNVLNNKPVSLGQALEVVIQLQEKHVKDEQIEHWKKIVKTQEELKELLNKMVNLKEKIKELHQQ
YKEASEVKPPRDITAEFLVKSKHRDLTALCKEYDELAETQGKLEEKLQELEANPPSDVYLSSRDRQILDWHFANLEFANA
TPLSTLSLKHWDQDDDFEFTGSHLTVRNGYSCVPVALAEGLDIKLNTAVRQVRYTASGCEVIAVNTRSTSQTFIYKCDAV
LCTLPLGVLKQQPPAVQFVPPLPEWKTSAVQRMGFGNLNKVVLCFDRVFWDPSVNLFGHVGSTTASRGELFLFWNLYKAP
ILLALVAGEAAGIMENISDDVIVGRCLAILKGIFGSSAVPQPKETVVSRWRADPWARGSYSYVAAGSSGNDYDLMAQPIT
PGPSIPGAPQPIPRLFFAGEHTIRNYPATVHGALLSGLREAGRIADQFLGAMYTLPRQATPGVPAQQSPSM
;
A
3 'polypeptide(L)'
;GPLGSPEFRAKRKPPKGMFLSQEDVEAVSANATAATTVLRQLDMELVSVKRQIQNIKQTNSALKEKLDGGIEPYRLPEVI
QKCNARWTTEEQLLAVQAIRKYGRDFQAISDVIGNKSVVQVKNFFVNYRRRFNIDEVLQEWEAE
;
B
#
# COMPACT_ATOMS: atom_id res chain seq x y z
N PRO A 1 -3.64 -8.42 6.28
CA PRO A 1 -3.68 -7.29 5.39
C PRO A 1 -2.31 -6.74 5.13
N ARG A 2 -1.40 -7.50 4.49
CA ARG A 2 -0.04 -7.15 4.11
C ARG A 2 0.70 -8.31 4.65
N SER A 3 1.09 -9.28 3.85
CA SER A 3 1.82 -10.35 4.52
C SER A 3 3.22 -10.49 4.08
N PHE A 4 4.09 -10.81 5.02
CA PHE A 4 5.51 -10.89 4.73
C PHE A 4 6.03 -9.86 3.76
N PRO B 190 7.88 -8.35 25.91
CA PRO B 190 7.41 -8.08 27.29
C PRO B 190 7.58 -9.29 28.24
N SER B 191 7.91 -9.05 29.53
CA SER B 191 8.26 -10.11 30.47
C SER B 191 7.73 -9.81 31.88
N GLY B 192 7.57 -10.89 32.67
CA GLY B 192 7.04 -10.79 34.01
C GLY B 192 5.56 -11.15 34.09
N VAL B 193 4.85 -10.56 35.06
CA VAL B 193 3.39 -10.68 35.04
C VAL B 193 2.84 -9.90 33.86
N GLU B 194 3.48 -8.80 33.50
CA GLU B 194 3.00 -7.99 32.37
C GLU B 194 3.18 -8.69 31.02
N GLY B 195 4.10 -9.63 30.90
CA GLY B 195 4.20 -10.40 29.67
C GLY B 195 3.00 -11.31 29.49
N ALA B 196 2.48 -11.83 30.61
CA ALA B 196 1.29 -12.67 30.55
C ALA B 196 0.08 -11.88 30.03
N ALA B 197 -0.05 -10.61 30.42
CA ALA B 197 -1.16 -9.80 29.94
C ALA B 197 -1.04 -9.52 28.44
N PHE B 198 0.16 -9.17 27.98
CA PHE B 198 0.41 -9.06 26.55
C PHE B 198 0.20 -10.38 25.83
N GLN B 199 0.75 -11.47 26.37
CA GLN B 199 0.61 -12.73 25.65
C GLN B 199 -0.83 -13.19 25.62
N SER B 200 -1.70 -12.60 26.45
CA SER B 200 -3.13 -12.92 26.49
C SER B 200 -3.98 -11.83 25.83
N ARG B 201 -3.35 -10.94 25.08
CA ARG B 201 -4.04 -9.95 24.24
C ARG B 201 -4.78 -8.92 25.09
N LEU B 202 -4.27 -8.62 26.30
CA LEU B 202 -4.86 -7.81 27.37
C LEU B 202 -3.93 -6.70 27.83
N PRO B 203 -4.44 -5.48 28.03
CA PRO B 203 -3.61 -4.40 28.60
C PRO B 203 -3.30 -4.69 30.07
N HIS B 204 -2.01 -4.76 30.42
CA HIS B 204 -1.60 -5.16 31.77
C HIS B 204 -1.98 -4.17 32.87
N ASP B 205 -2.37 -2.94 32.52
CA ASP B 205 -2.55 -1.87 33.50
C ASP B 205 -3.90 -1.16 33.36
N ARG B 206 -4.83 -1.78 32.65
CA ARG B 206 -6.19 -1.27 32.52
C ARG B 206 -7.16 -2.44 32.56
N MET B 207 -8.34 -2.18 33.11
CA MET B 207 -9.39 -3.18 33.02
C MET B 207 -10.06 -3.06 31.66
N THR B 208 -10.25 -4.18 30.97
CA THR B 208 -10.86 -4.09 29.62
C THR B 208 -12.35 -3.95 29.70
N SER B 209 -13.02 -3.72 28.60
CA SER B 209 -14.47 -3.58 28.68
C SER B 209 -15.10 -4.88 29.11
N GLN B 210 -14.60 -6.00 28.65
CA GLN B 210 -15.22 -7.27 29.07
C GLN B 210 -15.09 -7.42 30.56
N GLU B 211 -13.95 -7.10 31.12
CA GLU B 211 -13.81 -7.27 32.55
C GLU B 211 -14.72 -6.35 33.31
N ALA B 212 -14.97 -5.16 32.85
CA ALA B 212 -15.84 -4.32 33.66
C ALA B 212 -17.18 -4.97 33.82
N ALA B 213 -17.76 -5.47 32.76
CA ALA B 213 -19.08 -6.10 32.82
C ALA B 213 -19.06 -7.21 33.83
N CYS B 214 -18.01 -7.97 33.87
CA CYS B 214 -17.97 -9.00 34.91
C CYS B 214 -17.73 -8.41 36.29
N PHE B 215 -16.89 -7.38 36.40
CA PHE B 215 -16.57 -6.84 37.74
C PHE B 215 -16.85 -5.34 37.81
N PRO B 216 -18.11 -4.90 37.77
CA PRO B 216 -18.40 -3.50 37.87
C PRO B 216 -17.99 -2.94 39.23
N ASP B 217 -18.14 -3.72 40.30
CA ASP B 217 -17.81 -3.23 41.65
C ASP B 217 -16.38 -2.69 41.68
N ILE B 218 -15.44 -3.40 41.08
CA ILE B 218 -14.03 -3.04 41.13
C ILE B 218 -13.71 -1.86 40.21
N ILE B 219 -14.11 -1.94 38.95
CA ILE B 219 -13.78 -0.88 38.00
C ILE B 219 -14.48 0.45 38.32
N SER B 220 -15.60 0.44 39.04
CA SER B 220 -16.20 1.69 39.46
C SER B 220 -15.63 2.16 40.78
N GLY B 221 -14.77 1.34 41.38
CA GLY B 221 -14.28 1.52 42.72
C GLY B 221 -12.95 2.23 42.76
N PRO B 222 -12.23 2.06 43.87
CA PRO B 222 -10.99 2.82 44.08
C PRO B 222 -9.79 2.24 43.35
N GLN B 223 -8.94 3.17 42.87
CA GLN B 223 -7.77 2.85 42.05
C GLN B 223 -6.93 1.74 42.67
N GLN B 224 -6.93 1.64 43.99
CA GLN B 224 -6.13 0.60 44.63
C GLN B 224 -6.68 -0.76 44.31
N THR B 225 -8.00 -0.92 44.45
CA THR B 225 -8.62 -2.21 44.21
C THR B 225 -8.36 -2.67 42.79
N GLN B 226 -8.50 -1.75 41.82
CA GLN B 226 -8.29 -2.11 40.42
C GLN B 226 -6.89 -2.68 40.21
N LYS B 227 -5.89 -2.11 40.88
CA LYS B 227 -4.53 -2.61 40.71
C LYS B 227 -4.38 -4.01 41.30
N VAL B 228 -4.99 -4.26 42.46
CA VAL B 228 -4.98 -5.58 43.05
C VAL B 228 -5.53 -6.60 42.06
N PHE B 229 -6.78 -6.35 41.63
CA PHE B 229 -7.41 -7.18 40.62
C PHE B 229 -6.50 -7.38 39.42
N LEU B 230 -6.01 -6.27 38.85
CA LEU B 230 -5.19 -6.37 37.64
C LEU B 230 -4.01 -7.28 37.87
N PHE B 231 -3.40 -7.21 39.06
CA PHE B 231 -2.31 -8.14 39.36
C PHE B 231 -2.82 -9.57 39.43
N ILE B 232 -3.93 -9.79 40.13
CA ILE B 232 -4.40 -11.15 40.30
C ILE B 232 -4.70 -11.77 38.95
N ARG B 233 -5.21 -10.95 38.02
CA ARG B 233 -5.49 -11.38 36.65
C ARG B 233 -4.20 -11.76 35.94
N ASN B 234 -3.26 -10.80 35.89
CA ASN B 234 -1.97 -11.01 35.22
C ASN B 234 -1.23 -12.18 35.81
N ARG B 235 -1.27 -12.32 37.15
CA ARG B 235 -0.52 -13.36 37.83
C ARG B 235 -1.10 -14.73 37.52
N THR B 236 -2.43 -14.83 37.44
CA THR B 236 -3.00 -16.12 37.09
C THR B 236 -2.71 -16.48 35.64
N LEU B 237 -2.79 -15.49 34.76
CA LEU B 237 -2.48 -15.74 33.36
C LEU B 237 -1.08 -16.29 33.25
N GLN B 238 -0.13 -15.66 33.96
CA GLN B 238 1.26 -16.10 33.92
C GLN B 238 1.39 -17.53 34.39
N LEU B 239 0.67 -17.90 35.45
CA LEU B 239 0.74 -19.29 35.92
C LEU B 239 0.27 -20.26 34.84
N TRP B 240 -0.91 -20.01 34.27
CA TRP B 240 -1.42 -20.89 33.23
C TRP B 240 -0.46 -20.93 32.06
N LEU B 241 0.10 -19.78 31.71
CA LEU B 241 0.94 -19.71 30.54
C LEU B 241 2.22 -20.50 30.75
N ASP B 242 2.79 -20.41 31.96
CA ASP B 242 4.11 -21.00 32.23
C ASP B 242 4.05 -22.52 32.15
N ASN B 243 2.88 -23.09 32.20
CA ASN B 243 2.74 -24.52 32.07
C ASN B 243 1.33 -24.81 31.58
N PRO B 244 1.12 -24.93 30.29
CA PRO B 244 -0.24 -25.09 29.79
C PRO B 244 -0.56 -26.52 29.45
N LYS B 245 0.19 -27.50 29.95
CA LYS B 245 -0.22 -28.88 29.74
C LYS B 245 -1.00 -29.44 30.93
N ILE B 246 -1.31 -28.61 31.93
CA ILE B 246 -2.01 -29.03 33.14
C ILE B 246 -3.01 -27.96 33.56
N GLN B 247 -4.17 -28.39 34.04
CA GLN B 247 -5.17 -27.46 34.49
C GLN B 247 -4.63 -26.57 35.61
N LEU B 248 -5.07 -25.32 35.61
CA LEU B 248 -4.82 -24.40 36.70
C LEU B 248 -6.07 -24.30 37.57
N THR B 249 -6.10 -25.07 38.64
CA THR B 249 -7.19 -25.05 39.60
C THR B 249 -7.16 -23.78 40.44
N PHE B 250 -8.31 -23.45 41.02
CA PHE B 250 -8.38 -22.28 41.89
C PHE B 250 -7.42 -22.41 43.06
N GLU B 251 -7.26 -23.64 43.56
CA GLU B 251 -6.37 -23.88 44.68
C GLU B 251 -4.93 -23.55 44.28
N ALA B 252 -4.43 -24.22 43.24
CA ALA B 252 -3.09 -23.99 42.71
C ALA B 252 -2.78 -22.50 42.59
N THR B 253 -3.78 -21.72 42.16
CA THR B 253 -3.59 -20.28 41.97
C THR B 253 -3.36 -19.58 43.29
N LEU B 254 -4.31 -19.72 44.22
CA LEU B 254 -4.25 -18.99 45.48
C LEU B 254 -3.02 -19.36 46.29
N GLN B 255 -2.63 -20.64 46.24
CA GLN B 255 -1.35 -21.07 46.77
C GLN B 255 -0.22 -20.10 46.43
N GLN B 256 -0.06 -19.79 45.14
CA GLN B 256 1.16 -19.16 44.65
C GLN B 256 1.05 -17.65 44.55
N LEU B 257 -0.10 -17.07 44.88
CA LEU B 257 -0.14 -15.64 45.17
C LEU B 257 0.52 -15.31 46.51
N GLU B 258 1.06 -14.10 46.58
CA GLU B 258 1.60 -13.53 47.80
C GLU B 258 0.59 -12.56 48.39
N ALA B 259 0.61 -12.43 49.72
CA ALA B 259 -0.10 -11.33 50.33
C ALA B 259 0.52 -10.02 49.84
N PRO B 260 -0.26 -8.93 49.75
CA PRO B 260 -1.68 -8.76 50.11
C PRO B 260 -2.67 -9.43 49.13
N TYR B 261 -2.14 -9.96 48.02
CA TYR B 261 -3.02 -10.40 46.93
C TYR B 261 -3.74 -11.69 47.26
N ASN B 262 -3.08 -12.64 47.94
CA ASN B 262 -3.76 -13.88 48.32
C ASN B 262 -4.55 -13.75 49.63
N SER B 263 -4.92 -12.52 49.99
CA SER B 263 -5.71 -12.26 51.19
C SER B 263 -7.21 -12.37 50.93
N ASP B 264 -7.73 -11.58 50.00
CA ASP B 264 -9.15 -11.61 49.64
C ASP B 264 -9.37 -12.81 48.74
N THR B 265 -10.04 -13.86 49.24
CA THR B 265 -10.14 -15.08 48.46
C THR B 265 -11.39 -15.15 47.58
N VAL B 266 -12.40 -14.30 47.81
CA VAL B 266 -13.48 -14.22 46.82
C VAL B 266 -13.05 -13.39 45.60
N LEU B 267 -12.16 -12.42 45.77
CA LEU B 267 -11.60 -11.73 44.60
C LEU B 267 -10.72 -12.67 43.78
N VAL B 268 -9.90 -13.49 44.43
CA VAL B 268 -9.13 -14.46 43.67
C VAL B 268 -10.03 -15.52 43.09
N HIS B 269 -11.14 -15.84 43.75
CA HIS B 269 -11.99 -16.85 43.14
C HIS B 269 -12.75 -16.26 41.96
N ARG B 270 -13.22 -15.01 42.07
CA ARG B 270 -13.93 -14.38 40.96
C ARG B 270 -13.03 -14.21 39.75
N VAL B 271 -11.77 -13.84 39.97
CA VAL B 271 -10.84 -13.68 38.86
C VAL B 271 -10.56 -15.02 38.18
N HIS B 272 -10.27 -16.06 38.96
CA HIS B 272 -9.92 -17.33 38.33
C HIS B 272 -11.08 -17.87 37.53
N SER B 273 -12.31 -17.61 37.99
CA SER B 273 -13.46 -18.22 37.34
C SER B 273 -13.79 -17.50 36.04
N TYR B 274 -13.67 -16.17 36.03
CA TYR B 274 -13.77 -15.40 34.80
C TYR B 274 -12.75 -15.85 33.76
N LEU B 275 -11.48 -15.85 34.14
CA LEU B 275 -10.42 -16.35 33.26
C LEU B 275 -10.77 -17.71 32.68
N GLU B 276 -11.21 -18.65 33.51
CA GLU B 276 -11.38 -20.01 33.02
C GLU B 276 -12.57 -20.10 32.07
N ARG B 277 -13.53 -19.20 32.25
CA ARG B 277 -14.80 -19.24 31.54
C ARG B 277 -14.63 -18.78 30.10
N HIS B 278 -13.95 -17.64 29.93
CA HIS B 278 -13.71 -17.11 28.61
C HIS B 278 -12.44 -17.62 27.98
N GLY B 279 -12.00 -18.83 28.34
CA GLY B 279 -10.90 -19.47 27.65
C GLY B 279 -9.58 -18.74 27.68
N LEU B 280 -9.32 -17.94 28.71
CA LEU B 280 -8.02 -17.29 28.86
C LEU B 280 -7.03 -18.18 29.59
N ILE B 281 -7.53 -19.15 30.35
CA ILE B 281 -6.74 -20.19 31.01
C ILE B 281 -7.52 -21.49 30.86
N ASN B 282 -6.79 -22.61 30.93
CA ASN B 282 -7.39 -23.93 30.76
C ASN B 282 -8.24 -23.99 29.48
N PHE B 283 -7.57 -23.74 28.36
CA PHE B 283 -8.17 -23.96 27.05
C PHE B 283 -7.25 -24.86 26.23
N GLY B 284 -7.82 -25.53 25.25
CA GLY B 284 -6.98 -26.32 24.39
C GLY B 284 -6.86 -27.74 24.86
N ILE B 285 -5.64 -28.25 24.97
CA ILE B 285 -5.41 -29.62 25.41
C ILE B 285 -4.60 -29.61 26.70
N TYR B 286 -5.27 -29.94 27.80
CA TYR B 286 -4.65 -29.98 29.12
C TYR B 286 -5.11 -31.23 29.86
N LYS B 287 -4.29 -31.67 30.81
CA LYS B 287 -4.67 -32.83 31.66
C LYS B 287 -5.62 -32.29 32.71
N ARG B 288 -6.76 -32.96 32.92
CA ARG B 288 -7.75 -32.50 33.91
C ARG B 288 -7.33 -32.95 35.29
N ILE B 289 -7.28 -32.02 36.24
CA ILE B 289 -6.92 -32.38 37.64
C ILE B 289 -8.19 -32.90 38.31
N LYS B 290 -9.31 -32.19 38.08
CA LYS B 290 -10.62 -32.60 38.63
C LYS B 290 -11.44 -33.19 37.50
N PRO B 291 -11.50 -34.53 37.32
CA PRO B 291 -12.25 -35.16 36.25
C PRO B 291 -13.68 -34.61 36.14
N LEU B 292 -14.07 -34.24 34.92
CA LEU B 292 -15.39 -33.67 34.63
C LEU B 292 -16.48 -34.54 35.25
N PRO B 293 -17.41 -33.95 36.03
CA PRO B 293 -18.50 -34.70 36.64
C PRO B 293 -19.30 -35.47 35.59
N THR B 294 -19.70 -36.69 35.96
CA THR B 294 -20.44 -37.63 35.09
C THR B 294 -21.81 -37.09 34.68
N LYS B 295 -22.45 -36.26 35.50
CA LYS B 295 -23.79 -35.76 35.12
C LYS B 295 -23.64 -34.41 34.42
N LYS B 296 -24.07 -34.35 33.15
CA LYS B 296 -23.96 -33.15 32.31
C LYS B 296 -25.13 -32.20 32.58
N THR B 297 -25.08 -30.99 32.05
CA THR B 297 -26.08 -29.96 32.29
C THR B 297 -26.35 -29.25 30.98
N GLY B 298 -27.58 -29.30 30.48
CA GLY B 298 -27.88 -28.67 29.20
C GLY B 298 -27.27 -29.39 28.02
N LYS B 299 -27.77 -29.13 26.81
CA LYS B 299 -27.34 -29.85 25.61
C LYS B 299 -27.13 -28.88 24.47
N VAL B 300 -25.99 -29.00 23.77
CA VAL B 300 -25.58 -28.07 22.73
C VAL B 300 -25.16 -28.83 21.49
N ILE B 301 -25.82 -28.57 20.36
CA ILE B 301 -25.36 -28.98 19.04
C ILE B 301 -24.43 -27.94 18.46
N ILE B 302 -23.28 -28.39 17.94
CA ILE B 302 -22.30 -27.54 17.27
C ILE B 302 -22.21 -27.95 15.80
N ILE B 303 -22.47 -27.02 14.89
CA ILE B 303 -22.43 -27.32 13.47
C ILE B 303 -21.02 -27.03 12.96
N GLY B 304 -20.33 -28.07 12.51
CA GLY B 304 -18.98 -27.92 12.04
C GLY B 304 -17.93 -28.27 13.06
N SER B 305 -17.03 -29.19 12.73
CA SER B 305 -15.87 -29.45 13.58
C SER B 305 -14.61 -28.81 12.99
N GLY B 306 -14.77 -27.66 12.33
CA GLY B 306 -13.63 -26.84 12.02
C GLY B 306 -12.99 -26.34 13.30
N VAL B 307 -11.87 -25.63 13.20
CA VAL B 307 -11.13 -25.28 14.41
C VAL B 307 -12.01 -24.51 15.39
N SER B 308 -12.87 -23.61 14.90
CA SER B 308 -13.67 -22.83 15.82
C SER B 308 -14.68 -23.71 16.55
N GLY B 309 -15.38 -24.56 15.78
CA GLY B 309 -16.27 -25.56 16.35
C GLY B 309 -15.61 -26.38 17.44
N LEU B 310 -14.47 -26.99 17.12
CA LEU B 310 -13.74 -27.80 18.07
C LEU B 310 -13.39 -27.03 19.32
N ALA B 311 -12.94 -25.81 19.12
CA ALA B 311 -12.49 -24.99 20.26
C ALA B 311 -13.64 -24.83 21.24
N ALA B 312 -14.78 -24.37 20.76
CA ALA B 312 -15.93 -24.20 21.67
C ALA B 312 -16.34 -25.56 22.20
N ALA B 313 -16.37 -26.58 21.34
CA ALA B 313 -16.85 -27.90 21.79
C ALA B 313 -15.97 -28.41 22.92
N ARG B 314 -14.66 -28.27 22.80
CA ARG B 314 -13.78 -28.75 23.88
C ARG B 314 -14.10 -27.96 25.14
N GLN B 315 -14.24 -26.65 25.01
CA GLN B 315 -14.53 -25.77 26.16
C GLN B 315 -15.92 -26.05 26.72
N LEU B 316 -16.91 -26.28 25.87
CA LEU B 316 -18.25 -26.51 26.47
C LEU B 316 -18.19 -27.79 27.29
N GLN B 317 -17.62 -28.85 26.76
CA GLN B 317 -17.56 -30.12 27.50
C GLN B 317 -16.77 -29.86 28.77
N SER B 318 -15.64 -29.17 28.65
CA SER B 318 -14.84 -28.77 29.81
C SER B 318 -15.70 -28.18 30.92
N PHE B 319 -16.82 -27.55 30.57
CA PHE B 319 -17.69 -26.88 31.52
C PHE B 319 -18.81 -27.77 31.99
N GLY B 320 -18.75 -29.07 31.66
CA GLY B 320 -19.80 -30.01 31.98
C GLY B 320 -21.09 -29.77 31.23
N MET B 321 -21.05 -29.87 29.91
CA MET B 321 -22.24 -29.74 29.10
C MET B 321 -22.24 -30.88 28.11
N ASP B 322 -23.41 -31.17 27.57
CA ASP B 322 -23.53 -32.25 26.60
C ASP B 322 -23.35 -31.62 25.23
N VAL B 323 -22.23 -31.96 24.59
CA VAL B 323 -21.82 -31.32 23.35
C VAL B 323 -21.61 -32.35 22.26
N THR B 324 -22.33 -32.17 21.16
CA THR B 324 -22.18 -32.98 19.95
C THR B 324 -21.96 -32.07 18.75
N LEU B 325 -20.92 -32.40 17.97
CA LEU B 325 -20.58 -31.70 16.74
C LEU B 325 -21.06 -32.48 15.53
N LEU B 326 -21.59 -31.76 14.53
CA LEU B 326 -22.08 -32.32 13.27
C LEU B 326 -21.22 -31.82 12.14
N GLU B 327 -20.47 -32.71 11.52
CA GLU B 327 -19.51 -32.35 10.48
C GLU B 327 -19.96 -32.92 9.14
N ALA B 328 -20.05 -32.06 8.12
CA ALA B 328 -20.44 -32.57 6.81
C ALA B 328 -19.35 -33.43 6.18
N ARG B 329 -18.11 -33.11 6.48
CA ARG B 329 -17.02 -33.81 5.78
C ARG B 329 -16.68 -35.13 6.42
N ASP B 330 -15.78 -35.87 5.83
CA ASP B 330 -15.40 -37.17 6.43
C ASP B 330 -14.10 -36.95 7.19
N ARG B 331 -13.81 -35.71 7.58
CA ARG B 331 -12.59 -35.42 8.35
C ARG B 331 -12.80 -34.11 9.11
N VAL B 332 -12.07 -33.91 10.20
CA VAL B 332 -12.20 -32.68 11.01
C VAL B 332 -11.25 -31.61 10.47
N GLY B 333 -11.34 -30.39 10.98
CA GLY B 333 -10.38 -29.36 10.55
C GLY B 333 -10.99 -28.33 9.62
N GLY B 334 -11.96 -28.73 8.81
CA GLY B 334 -12.54 -27.71 7.93
C GLY B 334 -11.49 -27.15 7.00
N ARG B 335 -11.25 -25.84 7.07
CA ARG B 335 -10.25 -25.13 6.21
C ARG B 335 -8.81 -25.51 6.55
N VAL B 336 -8.54 -26.16 7.68
CA VAL B 336 -7.16 -26.63 7.94
C VAL B 336 -7.07 -28.03 7.33
N ALA B 337 -6.60 -28.14 6.10
CA ALA B 337 -6.47 -29.45 5.43
C ALA B 337 -5.00 -29.86 5.43
N THR B 338 -4.69 -31.14 5.29
CA THR B 338 -3.26 -31.50 5.35
C THR B 338 -3.07 -32.75 4.50
N PHE B 339 -2.76 -32.58 3.22
CA PHE B 339 -2.53 -33.71 2.34
C PHE B 339 -1.45 -34.60 2.93
N ARG B 340 -1.71 -35.91 2.96
CA ARG B 340 -0.77 -36.90 3.47
C ARG B 340 -0.84 -38.13 2.57
N LYS B 341 0.29 -38.47 1.95
CA LYS B 341 0.46 -39.70 1.21
C LYS B 341 1.93 -40.07 1.33
N GLY B 342 2.21 -41.30 1.73
CA GLY B 342 3.53 -41.71 2.12
C GLY B 342 4.25 -40.76 3.07
N ASN B 343 5.38 -40.23 2.63
CA ASN B 343 6.18 -39.29 3.40
C ASN B 343 5.84 -37.85 3.07
N TYR B 344 4.96 -37.63 2.09
CA TYR B 344 4.62 -36.27 1.71
C TYR B 344 3.56 -35.72 2.65
N VAL B 345 3.70 -34.43 2.98
CA VAL B 345 2.81 -33.71 3.88
C VAL B 345 2.70 -32.28 3.39
N ALA B 346 1.49 -31.81 3.09
CA ALA B 346 1.34 -30.47 2.53
C ALA B 346 -0.05 -29.92 2.82
N ASP B 347 -0.18 -28.86 3.61
CA ASP B 347 -1.56 -28.37 3.89
C ASP B 347 -2.08 -27.62 2.68
N LEU B 348 -3.35 -27.78 2.36
CA LEU B 348 -3.96 -27.02 1.24
C LEU B 348 -4.86 -25.93 1.83
N GLY B 349 -4.86 -25.79 3.14
CA GLY B 349 -5.70 -24.77 3.79
C GLY B 349 -4.81 -23.76 4.46
N ALA B 350 -4.91 -23.62 5.77
CA ALA B 350 -4.01 -22.67 6.44
C ALA B 350 -2.66 -23.37 6.58
N MET B 351 -1.57 -22.61 6.57
CA MET B 351 -0.26 -23.26 6.69
C MET B 351 0.71 -22.36 7.44
N VAL B 352 0.29 -21.17 7.83
CA VAL B 352 1.27 -20.32 8.54
C VAL B 352 0.72 -19.87 9.89
N VAL B 353 1.59 -19.83 10.88
CA VAL B 353 1.27 -19.31 12.21
C VAL B 353 1.85 -17.92 12.28
N THR B 354 0.99 -16.90 12.35
CA THR B 354 1.47 -15.52 12.19
C THR B 354 2.05 -14.98 13.49
N GLY B 355 3.06 -15.69 13.99
CA GLY B 355 3.94 -15.07 14.96
C GLY B 355 3.43 -15.16 16.36
N LEU B 356 4.23 -15.69 17.28
CA LEU B 356 3.67 -16.18 18.53
C LEU B 356 3.44 -15.08 19.57
N GLY B 357 3.66 -13.82 19.23
CA GLY B 357 3.61 -12.78 20.23
C GLY B 357 2.22 -12.33 20.61
N GLY B 358 1.57 -13.09 21.48
CA GLY B 358 0.18 -12.86 21.80
C GLY B 358 -0.77 -13.76 21.06
N ASN B 359 -0.30 -14.90 20.60
CA ASN B 359 -1.05 -15.77 19.72
C ASN B 359 -1.53 -16.97 20.50
N PRO B 360 -2.85 -17.16 20.65
CA PRO B 360 -3.34 -18.40 21.27
C PRO B 360 -2.69 -19.65 20.70
N MET B 361 -2.27 -19.62 19.43
CA MET B 361 -1.63 -20.80 18.87
C MET B 361 -0.29 -21.10 19.53
N ALA B 362 0.35 -20.09 20.10
CA ALA B 362 1.57 -20.32 20.86
C ALA B 362 1.33 -21.34 21.96
N VAL B 363 0.24 -21.15 22.71
CA VAL B 363 -0.12 -22.09 23.77
C VAL B 363 -0.42 -23.47 23.18
N VAL B 364 -1.24 -23.51 22.15
CA VAL B 364 -1.61 -24.83 21.57
C VAL B 364 -0.36 -25.54 21.08
N SER B 365 0.60 -24.79 20.54
CA SER B 365 1.85 -25.42 20.06
C SER B 365 2.53 -26.12 21.23
N LYS B 366 2.62 -25.43 22.36
CA LYS B 366 3.26 -26.08 23.51
C LYS B 366 2.42 -27.30 23.85
N GLN B 367 1.12 -27.12 23.76
CA GLN B 367 0.18 -28.18 24.16
C GLN B 367 0.29 -29.36 23.23
N VAL B 368 0.44 -29.10 21.97
CA VAL B 368 0.53 -30.26 21.08
C VAL B 368 1.82 -30.12 20.32
N ASN B 369 2.61 -31.16 20.21
CA ASN B 369 3.88 -30.91 19.50
C ASN B 369 3.51 -30.60 18.07
N MET B 370 3.90 -29.44 17.59
CA MET B 370 3.72 -29.20 16.15
C MET B 370 5.09 -28.80 15.66
N GLU B 371 5.62 -29.44 14.63
CA GLU B 371 6.98 -29.02 14.24
C GLU B 371 6.81 -27.60 13.72
N LEU B 372 7.48 -26.65 14.35
CA LEU B 372 7.34 -25.25 13.91
C LEU B 372 8.66 -24.82 13.31
N ALA B 373 8.61 -24.30 12.10
CA ALA B 373 9.84 -23.86 11.42
C ALA B 373 9.68 -22.39 11.10
N LYS B 374 10.75 -21.63 11.08
CA LYS B 374 10.54 -20.22 10.80
C LYS B 374 10.55 -20.02 9.31
N ILE B 375 10.27 -18.81 8.92
CA ILE B 375 10.27 -18.60 7.46
C ILE B 375 11.28 -17.54 7.15
N LYS B 376 12.33 -17.92 6.45
CA LYS B 376 13.32 -16.89 6.13
C LYS B 376 12.59 -16.00 5.15
N GLN B 377 12.70 -14.70 5.27
CA GLN B 377 11.83 -13.87 4.41
C GLN B 377 12.52 -13.45 3.12
N LYS B 378 13.62 -14.10 2.78
CA LYS B 378 14.36 -13.75 1.55
C LYS B 378 13.63 -14.37 0.38
N CYS B 379 12.94 -13.59 -0.42
CA CYS B 379 12.25 -14.16 -1.59
C CYS B 379 12.70 -13.46 -2.86
N PRO B 380 13.26 -14.18 -3.86
CA PRO B 380 13.71 -13.59 -5.11
C PRO B 380 12.60 -13.79 -6.14
N LEU B 381 12.38 -12.82 -7.02
CA LEU B 381 11.29 -12.94 -8.01
C LEU B 381 11.86 -13.16 -9.41
N TYR B 382 11.51 -14.27 -10.05
CA TYR B 382 11.95 -14.53 -11.43
C TYR B 382 10.96 -13.86 -12.38
N GLU B 383 11.43 -13.38 -13.53
CA GLU B 383 10.58 -12.68 -14.53
C GLU B 383 9.88 -13.72 -15.41
N ALA B 384 9.04 -13.26 -16.34
CA ALA B 384 8.28 -14.19 -17.20
C ALA B 384 9.23 -15.07 -18.01
N ASN B 385 10.36 -14.50 -18.44
CA ASN B 385 11.36 -15.22 -19.25
C ASN B 385 12.17 -16.15 -18.35
N GLY B 386 11.93 -16.13 -17.04
CA GLY B 386 12.68 -17.03 -16.16
C GLY B 386 14.03 -16.49 -15.76
N GLN B 387 14.30 -15.21 -15.98
CA GLN B 387 15.60 -14.64 -15.54
C GLN B 387 15.37 -13.90 -14.23
N ALA B 388 16.20 -14.17 -13.23
CA ALA B 388 16.00 -13.55 -11.89
C ALA B 388 16.00 -12.02 -12.01
N VAL B 389 15.08 -11.36 -11.33
CA VAL B 389 15.06 -9.88 -11.36
C VAL B 389 16.24 -9.37 -10.55
N PRO B 390 16.94 -8.31 -11.00
CA PRO B 390 18.10 -7.77 -10.30
C PRO B 390 17.66 -7.00 -9.06
N LYS B 391 18.58 -6.79 -8.11
CA LYS B 391 18.20 -6.09 -6.87
C LYS B 391 17.68 -4.69 -7.18
N GLU B 392 18.32 -3.98 -8.12
CA GLU B 392 17.91 -2.60 -8.51
C GLU B 392 16.40 -2.54 -8.75
N LYS B 393 15.89 -3.31 -9.68
CA LYS B 393 14.45 -3.19 -9.94
C LYS B 393 13.74 -3.65 -8.67
N ASP B 394 14.10 -4.86 -8.27
CA ASP B 394 13.49 -5.52 -7.08
C ASP B 394 13.36 -4.55 -5.91
N GLU B 395 14.43 -3.90 -5.50
CA GLU B 395 14.31 -2.99 -4.34
C GLU B 395 13.51 -1.76 -4.78
N MET B 396 13.70 -1.31 -6.01
CA MET B 396 13.02 -0.07 -6.44
C MET B 396 11.51 -0.25 -6.39
N VAL B 397 10.99 -1.18 -7.19
CA VAL B 397 9.51 -1.40 -7.28
C VAL B 397 8.91 -1.57 -5.89
N GLU B 398 9.46 -2.47 -5.08
CA GLU B 398 8.94 -2.74 -3.71
C GLU B 398 8.77 -1.42 -2.96
N GLN B 399 9.80 -0.58 -2.94
CA GLN B 399 9.70 0.73 -2.27
C GLN B 399 8.54 1.52 -2.89
N GLU B 400 8.42 1.53 -4.22
CA GLU B 400 7.33 2.27 -4.87
C GLU B 400 6.00 1.60 -4.49
N PHE B 401 5.97 0.28 -4.41
CA PHE B 401 4.70 -0.40 -4.05
C PHE B 401 4.27 0.13 -2.70
N ASN B 402 5.12 -0.06 -1.69
CA ASN B 402 4.79 0.40 -0.33
C ASN B 402 4.53 1.90 -0.41
N ARG B 403 4.99 2.54 -1.49
CA ARG B 403 4.72 3.98 -1.51
C ARG B 403 3.31 4.23 -2.05
N LEU B 404 2.87 3.41 -3.01
CA LEU B 404 1.52 3.57 -3.55
C LEU B 404 0.45 3.19 -2.55
N LEU B 405 0.73 2.16 -1.75
CA LEU B 405 -0.19 1.76 -0.69
C LEU B 405 -0.46 2.93 0.25
N GLU B 406 0.60 3.45 0.91
CA GLU B 406 0.43 4.63 1.76
C GLU B 406 -0.35 5.73 1.07
N ALA B 407 -0.16 5.88 -0.25
CA ALA B 407 -0.87 6.91 -0.98
C ALA B 407 -2.38 6.73 -0.90
N THR B 408 -2.86 5.48 -1.05
CA THR B 408 -4.28 5.21 -0.89
C THR B 408 -4.73 5.55 0.52
N SER B 409 -3.95 5.13 1.52
CA SER B 409 -4.31 5.43 2.90
C SER B 409 -4.39 6.93 3.13
N TYR B 410 -3.62 7.69 2.36
CA TYR B 410 -3.75 9.13 2.43
C TYR B 410 -5.02 9.60 1.69
N LEU B 411 -5.31 9.02 0.50
CA LEU B 411 -6.59 9.33 -0.14
C LEU B 411 -7.76 9.00 0.75
N SER B 412 -7.62 7.99 1.60
CA SER B 412 -8.78 7.53 2.34
C SER B 412 -9.01 8.39 3.57
N HIS B 413 -7.97 8.62 4.37
CA HIS B 413 -8.16 9.28 5.65
C HIS B 413 -7.99 10.79 5.57
N GLN B 414 -7.16 11.29 4.66
CA GLN B 414 -6.88 12.71 4.60
C GLN B 414 -7.64 13.46 3.50
N LEU B 415 -8.10 12.78 2.45
CA LEU B 415 -8.93 13.41 1.44
C LEU B 415 -10.37 12.89 1.45
N ASP B 416 -10.70 11.93 2.32
CA ASP B 416 -12.04 11.34 2.44
C ASP B 416 -12.59 10.89 1.08
N PHE B 417 -11.66 10.52 0.21
CA PHE B 417 -12.04 9.95 -1.10
C PHE B 417 -12.57 8.55 -0.81
N ASN B 418 -13.72 8.45 -0.16
CA ASN B 418 -14.20 7.09 0.20
C ASN B 418 -15.56 6.78 -0.44
N VAL B 419 -15.99 7.57 -1.42
CA VAL B 419 -17.29 7.28 -2.07
C VAL B 419 -17.26 7.87 -3.48
N LEU B 420 -17.72 7.12 -4.48
CA LEU B 420 -17.68 7.65 -5.86
C LEU B 420 -18.96 7.26 -6.57
N ASN B 421 -19.78 8.24 -6.97
CA ASN B 421 -21.08 7.98 -7.64
C ASN B 421 -21.84 6.94 -6.83
N ASN B 422 -22.03 7.17 -5.54
CA ASN B 422 -22.75 6.29 -4.58
C ASN B 422 -21.93 5.05 -4.16
N LYS B 423 -21.41 4.28 -5.09
CA LYS B 423 -20.59 3.09 -4.75
C LYS B 423 -19.40 3.52 -3.89
N PRO B 424 -19.05 2.76 -2.83
CA PRO B 424 -17.92 3.09 -1.99
C PRO B 424 -16.66 2.74 -2.76
N VAL B 425 -15.57 3.43 -2.49
CA VAL B 425 -14.30 3.25 -3.24
C VAL B 425 -13.59 1.99 -2.80
N SER B 426 -13.12 1.19 -3.76
CA SER B 426 -12.34 0.00 -3.43
C SER B 426 -10.85 0.33 -3.42
N LEU B 427 -10.06 -0.58 -2.84
CA LEU B 427 -8.61 -0.40 -2.83
C LEU B 427 -8.05 -0.40 -4.24
N GLY B 428 -8.57 -1.28 -5.10
CA GLY B 428 -8.09 -1.31 -6.48
C GLY B 428 -8.31 0.00 -7.21
N GLN B 429 -9.55 0.48 -7.24
CA GLN B 429 -9.90 1.82 -7.70
C GLN B 429 -8.88 2.86 -7.24
N ALA B 430 -8.65 2.95 -5.92
CA ALA B 430 -7.79 3.98 -5.37
C ALA B 430 -6.35 3.82 -5.86
N LEU B 431 -5.84 2.60 -5.92
CA LEU B 431 -4.50 2.38 -6.48
C LEU B 431 -4.41 2.86 -7.92
N GLU B 432 -5.49 2.75 -8.69
CA GLU B 432 -5.46 3.27 -10.06
C GLU B 432 -5.42 4.79 -10.05
N VAL B 433 -6.33 5.43 -9.33
CA VAL B 433 -6.31 6.88 -9.21
C VAL B 433 -4.99 7.39 -8.64
N VAL B 434 -4.21 6.54 -7.99
CA VAL B 434 -2.88 6.98 -7.59
C VAL B 434 -1.84 6.69 -8.66
N ILE B 435 -1.94 5.59 -9.40
CA ILE B 435 -1.01 5.43 -10.51
C ILE B 435 -1.31 6.42 -11.63
N GLN B 436 -2.58 6.72 -11.91
CA GLN B 436 -2.84 7.76 -12.91
C GLN B 436 -2.21 9.08 -12.48
N LEU B 437 -2.57 9.58 -11.30
CA LEU B 437 -2.02 10.84 -10.83
C LEU B 437 -0.49 10.84 -10.75
N GLN B 438 0.15 9.67 -10.64
CA GLN B 438 1.61 9.68 -10.76
C GLN B 438 2.07 9.69 -12.21
N GLU B 439 1.26 9.17 -13.13
CA GLU B 439 1.60 9.29 -14.55
C GLU B 439 1.30 10.68 -15.09
N LYS B 440 0.19 11.30 -14.67
CA LYS B 440 -0.03 12.73 -14.90
C LYS B 440 1.17 13.55 -14.47
N HIS B 441 1.58 13.40 -13.21
CA HIS B 441 2.71 14.19 -12.72
C HIS B 441 3.96 14.04 -13.59
N VAL B 442 4.30 12.82 -14.00
CA VAL B 442 5.46 12.65 -14.89
C VAL B 442 5.34 13.50 -16.16
N LYS B 443 4.12 13.67 -16.69
CA LYS B 443 3.93 14.51 -17.87
C LYS B 443 4.00 15.99 -17.52
N ASP B 444 3.16 16.47 -16.59
CA ASP B 444 3.23 17.88 -16.19
C ASP B 444 4.68 18.31 -15.96
N GLU B 445 5.53 17.34 -15.62
CA GLU B 445 6.91 17.61 -15.26
C GLU B 445 7.77 17.74 -16.51
N GLN B 446 7.46 16.95 -17.55
CA GLN B 446 8.13 17.12 -18.83
C GLN B 446 7.66 18.39 -19.53
N ILE B 447 6.35 18.66 -19.53
CA ILE B 447 5.87 19.90 -20.12
C ILE B 447 6.60 21.10 -19.52
N GLU B 448 6.51 21.30 -18.20
CA GLU B 448 7.07 22.56 -17.70
C GLU B 448 8.59 22.55 -17.70
N HIS B 449 9.22 21.46 -18.11
CA HIS B 449 10.67 21.47 -18.39
C HIS B 449 10.95 21.92 -19.81
N TRP B 450 10.41 21.20 -20.81
CA TRP B 450 10.55 21.65 -22.18
C TRP B 450 10.02 23.06 -22.37
N LYS B 451 8.99 23.45 -21.63
CA LYS B 451 8.47 24.80 -21.72
C LYS B 451 9.46 25.82 -21.12
N LYS B 452 10.47 25.38 -20.36
CA LYS B 452 11.62 26.23 -20.05
C LYS B 452 12.62 26.31 -21.20
N ILE B 453 12.68 25.22 -21.97
CA ILE B 453 13.61 25.21 -23.13
C ILE B 453 13.09 26.25 -24.12
N VAL B 454 11.84 26.06 -24.56
CA VAL B 454 11.16 26.95 -25.53
C VAL B 454 11.35 28.40 -25.11
N LYS B 455 10.97 28.71 -23.90
CA LYS B 455 11.07 30.10 -23.43
C LYS B 455 12.52 30.46 -23.53
N THR B 456 13.38 29.52 -23.19
CA THR B 456 14.79 29.90 -23.29
C THR B 456 15.13 30.07 -24.75
N GLN B 457 14.67 29.19 -25.60
CA GLN B 457 15.05 29.35 -27.02
C GLN B 457 14.46 30.63 -27.57
N GLU B 458 13.25 30.97 -27.18
CA GLU B 458 12.69 32.23 -27.68
C GLU B 458 13.55 33.39 -27.19
N GLU B 459 14.04 33.40 -25.96
CA GLU B 459 14.88 34.52 -25.50
C GLU B 459 16.03 34.66 -26.47
N LEU B 460 16.59 33.54 -26.83
CA LEU B 460 17.72 33.58 -27.79
C LEU B 460 17.26 34.19 -29.12
N LYS B 461 16.10 33.79 -29.63
CA LYS B 461 15.61 34.30 -30.91
C LYS B 461 15.62 35.82 -30.93
N GLU B 462 15.10 36.46 -29.88
CA GLU B 462 15.16 37.92 -29.83
C GLU B 462 16.58 38.43 -29.71
N LEU B 463 17.48 37.66 -29.12
CA LEU B 463 18.85 38.16 -28.98
C LEU B 463 19.59 38.07 -30.30
N LEU B 464 19.42 36.97 -31.03
CA LEU B 464 20.07 36.88 -32.33
C LEU B 464 19.50 37.90 -33.31
N ASN B 465 18.24 38.33 -33.13
CA ASN B 465 17.72 39.34 -34.04
C ASN B 465 18.35 40.70 -33.79
N LYS B 466 18.59 41.08 -32.54
CA LYS B 466 19.41 42.28 -32.33
C LYS B 466 20.79 42.09 -32.90
N MET B 467 21.38 40.92 -32.70
CA MET B 467 22.77 40.76 -33.09
C MET B 467 22.94 40.72 -34.61
N VAL B 468 21.93 40.31 -35.36
CA VAL B 468 22.11 40.31 -36.80
C VAL B 468 21.75 41.68 -37.39
N ASN B 469 20.82 42.41 -36.77
CA ASN B 469 20.55 43.79 -37.19
C ASN B 469 21.62 44.75 -36.74
N LEU B 470 22.52 44.32 -35.87
CA LEU B 470 23.56 45.21 -35.39
C LEU B 470 24.84 45.01 -36.19
N LYS B 471 25.19 43.76 -36.48
CA LYS B 471 26.16 43.50 -37.52
C LYS B 471 25.75 44.11 -38.87
N GLU B 472 24.50 44.55 -39.03
CA GLU B 472 24.21 45.28 -40.26
C GLU B 472 24.53 46.76 -40.12
N LYS B 473 24.17 47.37 -38.99
CA LYS B 473 24.53 48.77 -38.77
C LYS B 473 26.04 48.95 -38.73
N ILE B 474 26.69 47.90 -38.24
CA ILE B 474 28.16 47.89 -38.13
C ILE B 474 28.72 47.78 -39.53
N LYS B 475 28.20 46.86 -40.35
CA LYS B 475 28.77 46.73 -41.71
C LYS B 475 28.56 48.04 -42.46
N GLU B 476 27.37 48.63 -42.35
CA GLU B 476 27.09 49.90 -43.06
C GLU B 476 27.96 51.02 -42.49
N LEU B 477 28.17 51.07 -41.17
CA LEU B 477 29.00 52.15 -40.57
C LEU B 477 30.43 52.05 -41.09
N HIS B 478 30.95 50.85 -41.26
CA HIS B 478 32.33 50.71 -41.77
C HIS B 478 32.40 51.39 -43.14
N GLN B 479 31.43 51.10 -44.01
CA GLN B 479 31.40 51.70 -45.36
C GLN B 479 31.43 53.23 -45.21
N GLN B 480 31.01 53.76 -44.08
CA GLN B 480 31.01 55.23 -43.99
C GLN B 480 32.32 55.77 -43.42
N TYR B 481 32.86 55.12 -42.40
CA TYR B 481 34.12 55.60 -41.83
C TYR B 481 35.28 55.40 -42.79
N LYS B 482 35.31 54.28 -43.51
CA LYS B 482 36.33 54.14 -44.55
C LYS B 482 36.24 55.29 -45.54
N GLU B 483 35.06 55.40 -46.14
CA GLU B 483 34.73 56.43 -47.15
C GLU B 483 35.06 57.80 -46.58
N ALA B 484 34.81 57.99 -45.30
CA ALA B 484 35.08 59.30 -44.69
C ALA B 484 36.57 59.42 -44.39
N SER B 485 37.26 58.30 -44.26
CA SER B 485 38.72 58.31 -44.04
C SER B 485 39.38 58.38 -45.42
N GLU B 486 38.63 58.03 -46.45
CA GLU B 486 39.17 58.05 -47.83
C GLU B 486 39.33 59.52 -48.26
N VAL B 487 38.84 60.46 -47.47
CA VAL B 487 39.07 61.89 -47.81
C VAL B 487 40.42 62.21 -47.19
N LYS B 488 41.48 62.11 -47.97
CA LYS B 488 42.84 62.27 -47.41
C LYS B 488 43.02 63.67 -46.84
N PRO B 489 43.80 63.80 -45.74
CA PRO B 489 44.03 65.05 -45.07
C PRO B 489 44.99 65.89 -45.92
N PRO B 490 44.98 67.23 -45.81
CA PRO B 490 44.47 67.94 -44.64
C PRO B 490 43.02 68.28 -44.98
N ARG B 491 42.13 68.22 -43.99
CA ARG B 491 40.71 68.48 -44.31
C ARG B 491 40.14 69.59 -43.44
N ASP B 492 38.94 70.06 -43.79
CA ASP B 492 38.25 71.12 -43.02
C ASP B 492 37.77 70.49 -41.71
N ILE B 493 37.52 71.31 -40.69
CA ILE B 493 37.27 70.63 -39.42
C ILE B 493 35.97 69.82 -39.47
N THR B 494 34.99 70.19 -40.29
CA THR B 494 33.80 69.35 -40.38
C THR B 494 34.14 67.99 -40.96
N ALA B 495 34.99 67.92 -41.97
CA ALA B 495 35.31 66.58 -42.52
C ALA B 495 36.02 65.73 -41.48
N GLU B 496 36.90 66.33 -40.68
CA GLU B 496 37.60 65.56 -39.62
C GLU B 496 36.60 65.07 -38.59
N PHE B 497 35.60 65.89 -38.27
CA PHE B 497 34.59 65.51 -37.26
C PHE B 497 33.88 64.24 -37.73
N LEU B 498 33.52 64.19 -39.01
CA LEU B 498 32.78 63.00 -39.50
C LEU B 498 33.63 61.76 -39.30
N VAL B 499 34.90 61.81 -39.61
CA VAL B 499 35.68 60.56 -39.44
C VAL B 499 35.72 60.17 -37.98
N LYS B 500 36.01 61.11 -37.09
CA LYS B 500 36.11 60.71 -35.67
C LYS B 500 34.74 60.26 -35.16
N SER B 501 33.69 61.02 -35.51
CA SER B 501 32.36 60.67 -34.97
C SER B 501 31.97 59.28 -35.47
N LYS B 502 32.19 59.03 -36.75
CA LYS B 502 31.84 57.70 -37.30
C LYS B 502 32.67 56.66 -36.56
N HIS B 503 33.96 56.91 -36.37
CA HIS B 503 34.78 55.89 -35.68
C HIS B 503 34.29 55.74 -34.25
N ARG B 504 33.57 56.72 -33.77
CA ARG B 504 33.13 56.50 -32.40
C ARG B 504 31.87 55.68 -32.44
N ASP B 505 30.87 56.09 -33.21
CA ASP B 505 29.65 55.27 -33.20
C ASP B 505 30.11 53.95 -33.71
N LEU B 506 31.25 53.91 -34.40
CA LEU B 506 31.55 52.52 -34.67
C LEU B 506 32.10 51.79 -33.45
N THR B 507 32.78 52.50 -32.55
CA THR B 507 33.21 51.88 -31.30
C THR B 507 32.04 51.69 -30.34
N ALA B 508 31.06 52.59 -30.38
CA ALA B 508 29.83 52.41 -29.60
C ALA B 508 29.11 51.12 -30.04
N LEU B 509 28.81 50.99 -31.32
CA LEU B 509 28.13 49.78 -31.78
C LEU B 509 29.02 48.56 -31.71
N CYS B 510 30.31 48.70 -31.50
CA CYS B 510 31.10 47.49 -31.28
C CYS B 510 31.13 47.09 -29.83
N LYS B 511 30.97 48.04 -28.90
CA LYS B 511 30.71 47.68 -27.51
C LYS B 511 29.39 46.90 -27.38
N GLU B 512 28.31 47.46 -27.94
CA GLU B 512 26.99 46.81 -27.91
C GLU B 512 27.05 45.37 -28.41
N TYR B 513 27.52 45.17 -29.64
CA TYR B 513 27.59 43.81 -30.21
C TYR B 513 28.44 42.87 -29.37
N ASP B 514 29.42 43.40 -28.63
CA ASP B 514 30.23 42.49 -27.82
C ASP B 514 29.52 42.12 -26.52
N GLU B 515 28.79 43.06 -25.93
CA GLU B 515 27.94 42.79 -24.78
C GLU B 515 26.84 41.79 -25.12
N LEU B 516 26.41 41.74 -26.37
CA LEU B 516 25.34 40.81 -26.75
C LEU B 516 25.88 39.42 -27.06
N ALA B 517 27.12 39.27 -27.50
CA ALA B 517 27.62 37.89 -27.61
C ALA B 517 28.19 37.40 -26.29
N GLU B 518 28.34 38.30 -25.32
CA GLU B 518 28.43 37.91 -23.91
C GLU B 518 27.13 37.24 -23.45
N THR B 519 26.02 37.95 -23.58
CA THR B 519 24.71 37.37 -23.20
C THR B 519 24.44 36.11 -24.02
N GLN B 520 24.84 36.09 -25.28
CA GLN B 520 24.57 34.89 -26.12
C GLN B 520 25.23 33.66 -25.50
N GLY B 521 26.46 33.80 -25.03
CA GLY B 521 27.20 32.66 -24.45
C GLY B 521 26.39 31.92 -23.41
N LYS B 522 25.94 32.64 -22.37
CA LYS B 522 25.14 32.06 -21.26
C LYS B 522 24.00 31.22 -21.82
N LEU B 523 23.09 31.85 -22.58
CA LEU B 523 21.91 31.15 -23.16
C LEU B 523 22.34 29.89 -23.91
N GLU B 524 23.38 29.97 -24.73
CA GLU B 524 23.88 28.76 -25.43
C GLU B 524 24.19 27.67 -24.41
N GLU B 525 24.89 28.01 -23.32
CA GLU B 525 25.25 26.99 -22.30
C GLU B 525 24.02 26.56 -21.49
N LYS B 526 23.10 27.48 -21.19
CA LYS B 526 21.90 27.11 -20.40
C LYS B 526 21.17 26.00 -21.15
N LEU B 527 20.93 26.21 -22.44
CA LEU B 527 20.25 25.21 -23.30
C LEU B 527 20.95 23.85 -23.16
N GLN B 528 22.27 23.84 -23.37
CA GLN B 528 23.04 22.58 -23.33
C GLN B 528 22.83 21.90 -21.99
N GLU B 529 22.51 22.68 -20.95
CA GLU B 529 22.28 22.09 -19.62
C GLU B 529 20.97 21.31 -19.69
N LEU B 530 19.87 22.04 -19.78
CA LEU B 530 18.49 21.49 -19.78
C LEU B 530 18.39 20.33 -20.76
N GLU B 531 18.85 20.50 -22.00
CA GLU B 531 18.76 19.41 -23.00
C GLU B 531 19.38 18.11 -22.47
N ALA B 532 20.53 18.17 -21.83
CA ALA B 532 21.18 16.94 -21.30
C ALA B 532 21.01 16.86 -19.79
N ASN B 533 19.84 17.22 -19.29
CA ASN B 533 19.55 17.17 -17.84
C ASN B 533 18.02 17.11 -17.74
N PRO B 534 17.38 16.21 -18.50
CA PRO B 534 15.94 16.13 -18.56
C PRO B 534 15.39 15.38 -17.34
N PRO B 535 14.08 15.46 -17.07
CA PRO B 535 13.50 14.78 -15.94
C PRO B 535 13.07 13.37 -16.37
N SER B 536 12.53 12.60 -15.42
CA SER B 536 12.09 11.20 -15.68
C SER B 536 11.18 11.15 -16.90
N ASP B 537 11.44 10.19 -17.77
CA ASP B 537 10.68 10.06 -19.05
C ASP B 537 9.36 9.31 -18.83
N VAL B 538 9.32 8.33 -17.92
CA VAL B 538 8.07 7.53 -17.70
C VAL B 538 7.91 7.23 -16.21
N TYR B 539 6.68 6.98 -15.77
CA TYR B 539 6.47 6.61 -14.35
C TYR B 539 6.88 5.15 -14.18
N LEU B 540 6.38 4.30 -15.03
CA LEU B 540 6.77 2.91 -14.80
C LEU B 540 6.98 2.19 -16.10
N SER B 541 8.11 1.51 -16.21
CA SER B 541 8.29 0.78 -17.46
C SER B 541 7.36 -0.41 -17.43
N SER B 542 7.07 -0.95 -18.59
CA SER B 542 6.23 -2.15 -18.65
C SER B 542 6.89 -3.28 -17.90
N ARG B 543 8.19 -3.45 -18.06
CA ARG B 543 8.85 -4.47 -17.25
C ARG B 543 8.75 -4.05 -15.80
N ASP B 544 8.94 -2.78 -15.48
CA ASP B 544 8.84 -2.47 -14.04
C ASP B 544 7.41 -2.72 -13.60
N ARG B 545 6.43 -2.29 -14.35
CA ARG B 545 5.06 -2.42 -13.78
C ARG B 545 4.68 -3.87 -13.66
N GLN B 546 5.04 -4.65 -14.64
CA GLN B 546 4.80 -6.12 -14.55
C GLN B 546 5.31 -6.61 -13.19
N ILE B 547 6.49 -6.18 -12.77
CA ILE B 547 6.99 -6.60 -11.43
C ILE B 547 5.97 -6.15 -10.41
N LEU B 548 5.57 -4.89 -10.47
CA LEU B 548 4.57 -4.36 -9.52
C LEU B 548 3.33 -5.26 -9.55
N ASP B 549 2.84 -5.65 -10.74
CA ASP B 549 1.65 -6.49 -10.71
C ASP B 549 1.84 -7.74 -9.89
N TRP B 550 3.07 -8.22 -9.72
CA TRP B 550 3.28 -9.35 -8.82
C TRP B 550 3.09 -8.94 -7.36
N HIS B 551 3.54 -7.74 -7.01
CA HIS B 551 3.32 -7.24 -5.65
C HIS B 551 1.83 -7.05 -5.38
N PHE B 552 1.04 -6.77 -6.40
CA PHE B 552 -0.41 -6.75 -6.20
C PHE B 552 -0.97 -8.15 -6.12
N ALA B 553 -0.40 -9.12 -6.83
CA ALA B 553 -0.80 -10.51 -6.62
C ALA B 553 -0.63 -10.90 -5.16
N ASN B 554 0.57 -10.70 -4.60
CA ASN B 554 0.75 -10.99 -3.19
C ASN B 554 -0.35 -10.33 -2.33
N LEU B 555 -0.75 -9.12 -2.66
CA LEU B 555 -1.74 -8.46 -1.81
C LEU B 555 -3.12 -9.09 -2.01
N GLU B 556 -3.39 -9.63 -3.19
CA GLU B 556 -4.61 -10.38 -3.40
C GLU B 556 -4.54 -11.77 -2.80
N PHE B 557 -3.33 -12.31 -2.60
CA PHE B 557 -3.15 -13.47 -1.75
C PHE B 557 -3.52 -13.21 -0.30
N ALA B 558 -2.94 -12.18 0.31
CA ALA B 558 -3.19 -11.92 1.72
C ALA B 558 -4.67 -11.83 2.03
N ASN B 559 -5.37 -11.12 1.19
CA ASN B 559 -6.77 -10.91 1.56
C ASN B 559 -7.64 -11.81 0.75
N ALA B 560 -7.06 -12.69 -0.02
CA ALA B 560 -7.82 -13.68 -0.80
C ALA B 560 -8.87 -13.06 -1.71
N THR B 561 -8.63 -11.92 -2.30
CA THR B 561 -9.65 -11.41 -3.20
C THR B 561 -8.98 -10.37 -4.07
N PRO B 562 -9.52 -10.03 -5.22
CA PRO B 562 -8.92 -9.09 -6.06
C PRO B 562 -9.05 -7.75 -5.37
N LEU B 563 -8.16 -6.84 -5.63
CA LEU B 563 -8.22 -5.58 -4.86
C LEU B 563 -9.37 -4.72 -5.25
N SER B 564 -10.12 -4.94 -6.31
CA SER B 564 -11.20 -4.01 -6.61
C SER B 564 -12.23 -4.07 -5.52
N THR B 565 -12.51 -5.26 -5.00
CA THR B 565 -13.47 -5.56 -3.91
C THR B 565 -13.09 -5.04 -2.54
N LEU B 566 -11.84 -5.09 -2.16
CA LEU B 566 -11.45 -4.70 -0.79
C LEU B 566 -11.87 -3.29 -0.47
N SER B 567 -12.60 -3.11 0.61
CA SER B 567 -12.96 -1.76 1.00
C SER B 567 -11.73 -0.89 1.16
N LEU B 568 -11.75 0.29 0.52
CA LEU B 568 -10.60 1.17 0.67
C LEU B 568 -10.45 1.63 2.12
N LYS B 569 -11.53 2.03 2.79
CA LYS B 569 -11.35 2.54 4.15
C LYS B 569 -10.93 1.44 5.11
N HIS B 570 -11.45 0.22 4.96
CA HIS B 570 -11.43 -0.77 6.03
C HIS B 570 -10.63 -2.05 5.76
N TRP B 571 -10.10 -2.25 4.56
CA TRP B 571 -9.47 -3.52 4.22
C TRP B 571 -8.40 -3.94 5.23
N ASP B 572 -7.75 -2.98 5.86
CA ASP B 572 -6.65 -3.24 6.79
C ASP B 572 -7.03 -2.92 8.23
N GLN B 573 -8.33 -2.89 8.56
CA GLN B 573 -8.72 -2.48 9.90
C GLN B 573 -8.21 -3.42 11.00
N ASP B 574 -7.92 -4.68 10.69
CA ASP B 574 -7.37 -5.60 11.67
C ASP B 574 -5.86 -5.52 11.79
N ASP B 575 -5.24 -4.43 11.31
CA ASP B 575 -3.78 -4.36 11.25
C ASP B 575 -3.17 -3.96 12.57
N ASP B 576 -3.96 -3.36 13.47
CA ASP B 576 -3.45 -2.96 14.76
C ASP B 576 -3.21 -4.14 15.69
N PHE B 577 -3.77 -5.29 15.38
CA PHE B 577 -3.78 -6.39 16.31
C PHE B 577 -2.81 -7.46 15.88
N GLU B 578 -1.87 -7.09 15.00
CA GLU B 578 -0.86 -8.00 14.49
C GLU B 578 -0.10 -8.61 15.67
N PHE B 579 0.17 -9.90 15.59
CA PHE B 579 1.07 -10.48 16.56
C PHE B 579 2.51 -10.04 16.26
N THR B 580 3.43 -10.36 17.17
CA THR B 580 4.83 -10.01 17.01
C THR B 580 5.66 -11.28 16.88
N GLY B 581 6.52 -11.32 15.86
CA GLY B 581 7.31 -12.52 15.68
C GLY B 581 7.39 -13.02 14.26
N SER B 582 8.36 -13.90 14.01
CA SER B 582 8.47 -14.48 12.68
C SER B 582 7.20 -15.24 12.38
N HIS B 583 6.82 -15.27 11.11
CA HIS B 583 5.78 -16.21 10.72
C HIS B 583 6.38 -17.60 10.56
N LEU B 584 5.58 -18.62 10.85
CA LEU B 584 6.10 -19.98 10.92
C LEU B 584 5.33 -20.88 9.98
N THR B 585 5.80 -22.10 9.80
CA THR B 585 5.01 -23.12 9.15
C THR B 585 4.97 -24.33 10.06
N VAL B 586 4.14 -25.29 9.68
CA VAL B 586 3.97 -26.51 10.44
C VAL B 586 4.48 -27.62 9.53
N ARG B 587 5.64 -28.14 9.89
CA ARG B 587 6.32 -29.16 9.06
C ARG B 587 5.50 -30.45 9.01
N ASN B 588 4.75 -30.77 10.06
CA ASN B 588 4.00 -32.05 10.07
C ASN B 588 2.59 -31.84 9.55
N GLY B 589 2.30 -30.66 9.11
CA GLY B 589 0.95 -30.45 8.59
C GLY B 589 0.14 -29.76 9.64
N TYR B 590 -0.72 -28.85 9.26
CA TYR B 590 -1.50 -28.15 10.31
C TYR B 590 -2.65 -29.04 10.74
N SER B 591 -2.94 -30.13 10.05
CA SER B 591 -4.03 -31.06 10.36
C SER B 591 -3.85 -31.61 11.74
N CYS B 592 -2.65 -31.79 12.23
CA CYS B 592 -2.54 -32.32 13.60
C CYS B 592 -3.22 -31.43 14.61
N VAL B 593 -3.25 -30.11 14.50
CA VAL B 593 -3.90 -29.38 15.62
C VAL B 593 -5.36 -29.74 15.77
N PRO B 594 -6.16 -29.68 14.72
CA PRO B 594 -7.55 -29.92 14.81
C PRO B 594 -7.78 -31.33 15.25
N VAL B 595 -7.03 -32.26 14.73
CA VAL B 595 -7.23 -33.66 15.14
C VAL B 595 -6.98 -33.79 16.62
N ALA B 596 -5.97 -33.15 17.15
CA ALA B 596 -5.75 -33.26 18.58
C ALA B 596 -6.93 -32.70 19.31
N LEU B 597 -7.44 -31.58 18.91
CA LEU B 597 -8.55 -31.00 19.65
C LEU B 597 -9.75 -31.94 19.66
N ALA B 598 -9.90 -32.73 18.61
CA ALA B 598 -11.07 -33.57 18.44
C ALA B 598 -11.04 -34.78 19.39
N GLU B 599 -10.00 -34.88 20.21
CA GLU B 599 -9.85 -36.02 21.11
C GLU B 599 -10.86 -35.93 22.23
N GLY B 600 -11.75 -36.90 22.29
CA GLY B 600 -12.69 -36.98 23.37
C GLY B 600 -14.00 -36.30 23.12
N LEU B 601 -14.28 -35.89 21.90
CA LEU B 601 -15.49 -35.15 21.60
C LEU B 601 -16.41 -36.02 20.74
N ASP B 602 -17.71 -35.81 20.91
CA ASP B 602 -18.71 -36.57 20.17
C ASP B 602 -18.88 -35.94 18.78
N ILE B 603 -18.24 -36.52 17.78
CA ILE B 603 -18.24 -35.90 16.46
C ILE B 603 -18.99 -36.84 15.51
N LYS B 604 -20.04 -36.33 14.88
CA LYS B 604 -20.82 -37.10 13.91
C LYS B 604 -20.35 -36.72 12.52
N LEU B 605 -19.40 -37.47 11.97
CA LEU B 605 -18.87 -37.12 10.64
C LEU B 605 -19.84 -37.56 9.55
N ASN B 606 -19.71 -36.96 8.39
CA ASN B 606 -20.54 -37.29 7.23
C ASN B 606 -22.02 -36.95 7.48
N THR B 607 -22.25 -35.75 7.98
CA THR B 607 -23.55 -35.41 8.56
C THR B 607 -23.83 -33.97 8.13
N ALA B 608 -24.63 -33.79 7.09
CA ALA B 608 -24.78 -32.46 6.52
C ALA B 608 -26.03 -31.79 7.09
N VAL B 609 -25.86 -30.85 8.02
CA VAL B 609 -27.01 -30.11 8.53
C VAL B 609 -27.78 -29.47 7.38
N ARG B 610 -29.08 -29.68 7.33
CA ARG B 610 -29.88 -29.02 6.31
C ARG B 610 -30.94 -28.08 6.83
N GLN B 611 -31.37 -28.21 8.07
CA GLN B 611 -32.31 -27.26 8.62
C GLN B 611 -31.95 -27.03 10.07
N VAL B 612 -31.87 -25.76 10.48
CA VAL B 612 -31.71 -25.37 11.87
C VAL B 612 -32.99 -24.69 12.28
N ARG B 613 -33.60 -25.20 13.34
CA ARG B 613 -34.96 -24.88 13.74
C ARG B 613 -34.88 -24.57 15.23
N TYR B 614 -35.17 -23.32 15.59
CA TYR B 614 -34.86 -22.79 16.92
C TYR B 614 -36.12 -22.06 17.39
N THR B 615 -36.57 -22.36 18.61
CA THR B 615 -37.85 -21.87 19.10
C THR B 615 -37.71 -21.49 20.56
N ALA B 616 -38.74 -20.82 21.07
CA ALA B 616 -38.66 -20.27 22.41
C ALA B 616 -38.31 -21.32 23.46
N SER B 617 -38.45 -22.60 23.14
CA SER B 617 -38.29 -23.66 24.14
C SER B 617 -37.13 -24.58 23.86
N GLY B 618 -36.44 -24.39 22.74
CA GLY B 618 -35.28 -25.19 22.41
C GLY B 618 -35.07 -25.18 20.90
N CYS B 619 -34.16 -26.04 20.44
CA CYS B 619 -33.90 -26.13 19.01
C CYS B 619 -33.87 -27.58 18.60
N GLU B 620 -34.17 -27.81 17.32
CA GLU B 620 -33.90 -29.08 16.70
C GLU B 620 -33.16 -28.85 15.38
N VAL B 621 -32.11 -29.63 15.16
CA VAL B 621 -31.24 -29.53 13.99
C VAL B 621 -31.47 -30.75 13.13
N ILE B 622 -31.76 -30.54 11.84
CA ILE B 622 -32.07 -31.65 10.94
C ILE B 622 -30.90 -31.84 9.98
N ALA B 623 -30.24 -33.00 10.07
CA ALA B 623 -29.09 -33.32 9.23
C ALA B 623 -29.37 -34.55 8.38
N VAL B 624 -28.61 -34.73 7.29
CA VAL B 624 -28.64 -36.01 6.56
C VAL B 624 -27.26 -36.65 6.53
N ASN B 625 -27.19 -37.85 5.98
CA ASN B 625 -25.93 -38.57 5.82
C ASN B 625 -25.41 -38.29 4.41
N THR B 626 -24.16 -37.81 4.31
CA THR B 626 -23.65 -37.32 3.03
C THR B 626 -23.51 -38.42 1.99
N ARG B 627 -23.46 -39.69 2.42
CA ARG B 627 -23.20 -40.79 1.51
C ARG B 627 -24.48 -41.28 0.82
N SER B 628 -25.47 -41.74 1.61
CA SER B 628 -26.86 -41.88 1.13
C SER B 628 -27.67 -40.77 1.81
N THR B 629 -28.10 -39.78 1.02
CA THR B 629 -28.65 -38.56 1.61
C THR B 629 -30.07 -38.74 2.10
N SER B 630 -30.79 -39.76 1.62
CA SER B 630 -32.16 -40.00 2.09
C SER B 630 -32.23 -40.21 3.60
N GLN B 631 -31.23 -40.88 4.19
CA GLN B 631 -31.20 -41.20 5.61
C GLN B 631 -31.09 -39.95 6.49
N THR B 632 -32.18 -39.60 7.18
CA THR B 632 -32.35 -38.32 7.89
C THR B 632 -32.15 -38.45 9.40
N PHE B 633 -31.56 -37.40 10.01
CA PHE B 633 -31.25 -37.31 11.43
C PHE B 633 -31.93 -36.09 12.09
N ILE B 634 -32.36 -36.23 13.35
CA ILE B 634 -32.92 -35.12 14.10
C ILE B 634 -32.19 -35.00 15.43
N TYR B 635 -31.76 -33.79 15.76
CA TYR B 635 -31.08 -33.50 17.01
C TYR B 635 -31.82 -32.41 17.76
N LYS B 636 -32.19 -32.70 19.01
CA LYS B 636 -32.78 -31.71 19.90
C LYS B 636 -31.70 -31.19 20.83
N CYS B 637 -31.80 -29.91 21.20
CA CYS B 637 -30.79 -29.32 22.06
C CYS B 637 -31.26 -27.96 22.57
N ASP B 638 -30.61 -27.51 23.66
CA ASP B 638 -30.92 -26.23 24.28
C ASP B 638 -30.40 -25.04 23.47
N ALA B 639 -29.31 -25.21 22.72
CA ALA B 639 -28.67 -24.13 21.99
C ALA B 639 -27.84 -24.70 20.85
N VAL B 640 -27.88 -24.02 19.71
CA VAL B 640 -27.11 -24.38 18.52
C VAL B 640 -26.01 -23.34 18.29
N LEU B 641 -24.76 -23.80 18.21
CA LEU B 641 -23.63 -22.96 17.83
C LEU B 641 -23.25 -23.24 16.38
N CYS B 642 -23.35 -22.23 15.53
CA CYS B 642 -23.19 -22.40 14.08
C CYS B 642 -21.80 -21.91 13.64
N THR B 643 -20.90 -22.83 13.29
CA THR B 643 -19.63 -22.38 12.72
C THR B 643 -19.61 -22.63 11.20
N LEU B 644 -20.75 -22.48 10.55
CA LEU B 644 -20.77 -22.68 9.12
C LEU B 644 -19.89 -21.61 8.49
N PRO B 645 -19.05 -21.98 7.53
CA PRO B 645 -18.29 -21.00 6.77
C PRO B 645 -19.18 -19.90 6.22
N LEU B 646 -18.63 -18.68 6.11
CA LEU B 646 -19.43 -17.58 5.58
C LEU B 646 -19.92 -17.86 4.16
N GLY B 647 -19.13 -18.60 3.38
CA GLY B 647 -19.54 -18.90 2.02
C GLY B 647 -20.73 -19.82 1.95
N VAL B 648 -20.81 -20.75 2.91
CA VAL B 648 -21.98 -21.61 3.07
C VAL B 648 -23.19 -20.76 3.43
N LEU B 649 -23.05 -19.94 4.49
CA LEU B 649 -24.08 -19.00 4.91
C LEU B 649 -24.54 -18.10 3.79
N LYS B 650 -23.70 -17.91 2.80
CA LYS B 650 -24.00 -16.93 1.73
C LYS B 650 -24.58 -17.62 0.51
N GLN B 651 -24.63 -18.95 0.50
CA GLN B 651 -25.07 -19.66 -0.71
C GLN B 651 -26.49 -19.25 -1.09
N GLN B 652 -26.70 -18.99 -2.37
CA GLN B 652 -28.03 -18.70 -2.94
C GLN B 652 -28.23 -19.74 -4.04
N PRO B 653 -29.22 -20.67 -4.00
CA PRO B 653 -30.23 -20.78 -2.96
C PRO B 653 -29.61 -21.38 -1.70
N PRO B 654 -30.22 -21.18 -0.53
CA PRO B 654 -29.61 -21.58 0.71
C PRO B 654 -29.27 -23.06 0.75
N ALA B 655 -28.07 -23.38 1.23
CA ALA B 655 -27.67 -24.79 1.41
C ALA B 655 -28.11 -25.26 2.79
N VAL B 656 -28.51 -24.32 3.65
CA VAL B 656 -28.97 -24.61 5.03
C VAL B 656 -30.13 -23.66 5.32
N GLN B 657 -31.26 -24.21 5.76
CA GLN B 657 -32.45 -23.42 6.01
C GLN B 657 -32.56 -23.13 7.50
N PHE B 658 -32.78 -21.88 7.85
CA PHE B 658 -33.04 -21.50 9.23
C PHE B 658 -34.54 -21.32 9.46
N VAL B 659 -35.06 -21.94 10.50
CA VAL B 659 -36.49 -21.90 10.79
C VAL B 659 -36.73 -21.47 12.24
N PRO B 660 -37.18 -20.22 12.48
CA PRO B 660 -37.56 -19.24 11.44
C PRO B 660 -36.35 -18.60 10.74
N PRO B 661 -36.60 -17.85 9.66
CA PRO B 661 -35.49 -17.20 8.96
C PRO B 661 -34.62 -16.35 9.87
N LEU B 662 -33.35 -16.25 9.49
CA LEU B 662 -32.46 -15.31 10.16
C LEU B 662 -32.97 -13.89 9.93
N PRO B 663 -32.87 -13.02 10.93
CA PRO B 663 -33.40 -11.65 10.78
C PRO B 663 -32.64 -10.87 9.73
N GLU B 664 -33.27 -9.81 9.23
CA GLU B 664 -32.60 -9.02 8.20
C GLU B 664 -31.28 -8.43 8.66
N TRP B 665 -31.18 -8.00 9.92
CA TRP B 665 -29.89 -7.46 10.32
C TRP B 665 -28.75 -8.45 10.20
N LYS B 666 -29.05 -9.74 10.19
CA LYS B 666 -28.06 -10.80 10.06
C LYS B 666 -27.79 -11.17 8.60
N THR B 667 -28.83 -11.22 7.77
CA THR B 667 -28.67 -11.69 6.39
C THR B 667 -28.12 -10.59 5.52
N SER B 668 -28.44 -9.33 5.85
CA SER B 668 -27.76 -8.19 5.24
C SER B 668 -26.27 -8.23 5.56
N ALA B 669 -25.92 -8.53 6.81
CA ALA B 669 -24.52 -8.66 7.16
C ALA B 669 -23.84 -9.72 6.31
N VAL B 670 -24.55 -10.81 6.02
CA VAL B 670 -23.94 -11.90 5.27
C VAL B 670 -23.73 -11.49 3.80
N GLN B 671 -24.69 -10.77 3.22
CA GLN B 671 -24.49 -10.28 1.86
C GLN B 671 -23.32 -9.31 1.78
N ARG B 672 -23.30 -8.31 2.66
CA ARG B 672 -22.32 -7.23 2.59
C ARG B 672 -20.90 -7.76 2.70
N MET B 673 -20.66 -8.60 3.72
CA MET B 673 -19.34 -9.16 4.00
C MET B 673 -18.77 -9.86 2.77
N GLY B 674 -17.45 -9.86 2.66
CA GLY B 674 -16.79 -10.49 1.56
C GLY B 674 -16.29 -11.91 1.98
N PHE B 675 -16.44 -12.84 1.06
CA PHE B 675 -15.83 -14.15 1.27
C PHE B 675 -15.12 -14.46 -0.03
N GLY B 676 -13.79 -14.52 0.02
CA GLY B 676 -12.96 -14.68 -1.16
C GLY B 676 -12.40 -16.09 -1.31
N ASN B 677 -11.27 -16.17 -2.01
CA ASN B 677 -10.80 -17.44 -2.59
C ASN B 677 -9.32 -17.35 -2.90
N LEU B 678 -8.57 -18.40 -2.53
CA LEU B 678 -7.26 -18.68 -3.10
C LEU B 678 -7.03 -20.18 -3.06
N ASN B 679 -6.22 -20.67 -3.96
CA ASN B 679 -6.04 -22.13 -4.01
C ASN B 679 -4.57 -22.47 -4.03
N LYS B 680 -4.23 -23.71 -3.79
CA LYS B 680 -2.81 -24.03 -3.83
C LYS B 680 -2.61 -25.24 -4.73
N VAL B 681 -1.42 -25.39 -5.27
CA VAL B 681 -1.06 -26.59 -6.04
C VAL B 681 0.07 -27.29 -5.33
N VAL B 682 -0.01 -28.61 -5.17
CA VAL B 682 1.01 -29.33 -4.43
C VAL B 682 1.84 -30.14 -5.42
N LEU B 683 3.15 -29.96 -5.40
CA LEU B 683 4.09 -30.55 -6.35
C LEU B 683 5.08 -31.41 -5.57
N CYS B 684 4.97 -32.73 -5.75
CA CYS B 684 5.77 -33.72 -5.05
C CYS B 684 6.78 -34.34 -6.00
N PHE B 685 8.06 -34.12 -5.74
CA PHE B 685 9.12 -34.59 -6.62
C PHE B 685 9.93 -35.66 -5.91
N ASP B 686 10.84 -36.26 -6.68
CA ASP B 686 11.82 -37.21 -6.18
C ASP B 686 13.20 -36.60 -5.89
N ARG B 687 13.35 -35.27 -5.97
CA ARG B 687 14.62 -34.64 -5.60
C ARG B 687 14.49 -33.13 -5.51
N VAL B 688 15.15 -32.55 -4.51
CA VAL B 688 15.29 -31.10 -4.39
C VAL B 688 16.05 -30.54 -5.58
N PHE B 689 15.42 -29.64 -6.33
CA PHE B 689 15.99 -28.99 -7.50
C PHE B 689 15.80 -27.48 -7.48
N TRP B 690 15.60 -26.92 -6.30
CA TRP B 690 15.48 -25.49 -6.05
C TRP B 690 16.50 -25.12 -5.01
N ASP B 691 16.55 -23.84 -4.70
CA ASP B 691 17.47 -23.37 -3.68
C ASP B 691 16.97 -23.77 -2.30
N PRO B 692 17.61 -24.73 -1.62
CA PRO B 692 17.07 -25.23 -0.35
C PRO B 692 17.13 -24.21 0.78
N SER B 693 17.97 -23.19 0.70
CA SER B 693 18.02 -22.17 1.74
C SER B 693 17.04 -21.05 1.48
N VAL B 694 16.17 -21.21 0.48
CA VAL B 694 15.16 -20.23 0.11
C VAL B 694 13.78 -20.87 0.26
N ASN B 695 12.99 -20.34 1.19
CA ASN B 695 11.70 -20.94 1.52
C ASN B 695 10.66 -20.67 0.46
N LEU B 696 10.71 -19.50 -0.17
CA LEU B 696 9.67 -19.04 -1.07
C LEU B 696 10.27 -18.15 -2.15
N PHE B 697 9.82 -18.34 -3.39
CA PHE B 697 10.34 -17.57 -4.51
C PHE B 697 9.22 -17.29 -5.50
N GLY B 698 9.24 -16.11 -6.10
CA GLY B 698 8.13 -15.66 -6.92
C GLY B 698 8.21 -16.10 -8.38
N HIS B 699 7.15 -15.78 -9.11
CA HIS B 699 7.11 -15.84 -10.56
C HIS B 699 6.29 -14.64 -10.99
N VAL B 700 6.81 -13.85 -11.91
CA VAL B 700 6.13 -12.62 -12.33
C VAL B 700 5.24 -12.95 -13.51
N GLY B 701 4.04 -12.41 -13.51
CA GLY B 701 3.09 -12.77 -14.53
C GLY B 701 3.35 -12.01 -15.81
N SER B 702 2.64 -12.41 -16.86
CA SER B 702 2.73 -11.73 -18.14
C SER B 702 1.80 -10.54 -18.25
N THR B 703 0.65 -10.61 -17.59
CA THR B 703 -0.40 -9.64 -17.79
C THR B 703 -0.68 -9.00 -16.44
N THR B 704 -1.56 -8.00 -16.41
CA THR B 704 -2.19 -7.70 -15.13
C THR B 704 -3.25 -8.77 -14.84
N ALA B 705 -3.97 -9.20 -15.89
CA ALA B 705 -5.09 -10.12 -15.74
C ALA B 705 -4.69 -11.48 -15.22
N SER B 706 -3.44 -11.89 -15.42
CA SER B 706 -2.98 -13.18 -14.91
C SER B 706 -1.95 -13.02 -13.79
N ARG B 707 -1.99 -11.90 -13.07
CA ARG B 707 -0.97 -11.66 -12.07
C ARG B 707 -1.02 -12.69 -10.97
N GLY B 708 -2.16 -13.34 -10.77
CA GLY B 708 -2.29 -14.26 -9.66
C GLY B 708 -1.93 -15.68 -10.02
N GLU B 709 -1.89 -15.96 -11.32
CA GLU B 709 -1.83 -17.34 -11.82
C GLU B 709 -0.45 -17.92 -11.54
N LEU B 710 -0.36 -18.76 -10.54
CA LEU B 710 0.89 -19.40 -10.13
C LEU B 710 2.00 -18.38 -9.89
N PHE B 711 1.75 -17.47 -8.94
CA PHE B 711 2.64 -16.34 -8.80
C PHE B 711 3.68 -16.53 -7.70
N LEU B 712 3.66 -17.67 -7.00
CA LEU B 712 4.53 -17.83 -5.83
C LEU B 712 4.64 -19.30 -5.44
N PHE B 713 5.85 -19.70 -5.01
CA PHE B 713 6.15 -21.10 -4.69
C PHE B 713 6.76 -21.18 -3.29
N TRP B 714 6.50 -22.29 -2.57
CA TRP B 714 7.05 -22.48 -1.22
C TRP B 714 7.77 -23.83 -1.12
N ASN B 715 9.07 -23.77 -0.80
CA ASN B 715 9.78 -24.84 -0.12
C ASN B 715 9.51 -24.68 1.36
N LEU B 716 8.68 -25.54 1.93
CA LEU B 716 8.37 -25.40 3.34
C LEU B 716 8.68 -26.63 4.14
N TYR B 717 8.89 -27.77 3.49
CA TYR B 717 8.76 -29.07 4.12
C TYR B 717 10.08 -29.82 4.06
N LYS B 718 10.19 -30.82 4.94
CA LYS B 718 11.29 -31.79 4.94
C LYS B 718 11.44 -32.36 3.53
N ALA B 719 10.43 -33.10 3.10
CA ALA B 719 10.39 -33.79 1.81
C ALA B 719 10.55 -32.83 0.63
N PRO B 720 10.79 -33.36 -0.56
CA PRO B 720 10.82 -32.52 -1.77
C PRO B 720 9.46 -32.04 -2.23
N ILE B 721 8.85 -31.08 -1.54
CA ILE B 721 7.55 -30.54 -1.91
C ILE B 721 7.69 -29.05 -2.16
N LEU B 722 7.17 -28.63 -3.32
CA LEU B 722 7.09 -27.21 -3.74
C LEU B 722 5.61 -26.84 -3.73
N LEU B 723 5.25 -25.67 -3.22
CA LEU B 723 3.83 -25.25 -3.15
C LEU B 723 3.57 -24.08 -4.08
N ALA B 724 2.51 -24.13 -4.89
CA ALA B 724 2.22 -23.01 -5.81
C ALA B 724 0.92 -22.36 -5.40
N LEU B 725 0.88 -21.03 -5.38
CA LEU B 725 -0.31 -20.29 -4.93
C LEU B 725 -1.01 -19.65 -6.12
N VAL B 726 -2.33 -19.80 -6.23
CA VAL B 726 -3.09 -19.14 -7.32
C VAL B 726 -4.00 -18.14 -6.60
N ALA B 727 -3.79 -16.85 -6.80
CA ALA B 727 -4.57 -15.87 -6.04
C ALA B 727 -5.38 -14.97 -6.97
N GLY B 728 -6.02 -13.98 -6.38
CA GLY B 728 -6.59 -12.90 -7.17
C GLY B 728 -7.72 -13.32 -8.08
N GLU B 729 -7.85 -12.61 -9.19
CA GLU B 729 -8.83 -12.96 -10.21
C GLU B 729 -8.57 -14.32 -10.83
N ALA B 730 -7.33 -14.79 -10.77
CA ALA B 730 -6.97 -16.07 -11.38
C ALA B 730 -7.47 -17.27 -10.59
N ALA B 731 -7.62 -17.14 -9.26
CA ALA B 731 -8.06 -18.28 -8.44
C ALA B 731 -9.38 -18.80 -8.89
N GLY B 732 -10.33 -17.89 -9.07
CA GLY B 732 -11.67 -18.29 -9.46
C GLY B 732 -11.74 -18.91 -10.83
N ILE B 733 -10.71 -18.74 -11.66
CA ILE B 733 -10.72 -19.21 -13.04
C ILE B 733 -9.93 -20.50 -13.23
N MET B 734 -8.84 -20.71 -12.50
CA MET B 734 -8.11 -21.97 -12.51
C MET B 734 -8.94 -23.14 -11.97
N GLU B 735 -10.08 -22.88 -11.35
CA GLU B 735 -10.90 -23.97 -10.85
C GLU B 735 -11.67 -24.65 -11.96
N ASN B 736 -11.63 -24.08 -13.16
CA ASN B 736 -12.33 -24.60 -14.32
C ASN B 736 -11.37 -25.30 -15.26
N ILE B 737 -10.21 -25.71 -14.77
CA ILE B 737 -9.13 -26.20 -15.61
C ILE B 737 -8.55 -27.44 -14.95
N SER B 738 -8.38 -28.52 -15.74
CA SER B 738 -7.98 -29.82 -15.22
C SER B 738 -6.64 -29.73 -14.48
N ASP B 739 -6.37 -30.73 -13.63
CA ASP B 739 -5.14 -30.72 -12.84
C ASP B 739 -3.90 -30.79 -13.73
N ASP B 740 -3.99 -31.55 -14.83
CA ASP B 740 -2.86 -31.69 -15.74
C ASP B 740 -2.50 -30.35 -16.40
N VAL B 741 -3.50 -29.66 -16.96
CA VAL B 741 -3.25 -28.33 -17.51
C VAL B 741 -2.59 -27.42 -16.48
N ILE B 742 -3.01 -27.51 -15.21
CA ILE B 742 -2.42 -26.67 -14.16
C ILE B 742 -1.01 -27.14 -13.82
N VAL B 743 -0.86 -28.42 -13.58
CA VAL B 743 0.50 -28.95 -13.29
C VAL B 743 1.36 -28.62 -14.50
N GLY B 744 0.74 -28.60 -15.67
CA GLY B 744 1.45 -28.26 -16.91
C GLY B 744 2.07 -26.89 -16.80
N ARG B 745 1.24 -25.88 -16.55
CA ARG B 745 1.76 -24.49 -16.46
C ARG B 745 2.84 -24.43 -15.37
N CYS B 746 2.59 -25.02 -14.22
CA CYS B 746 3.57 -24.98 -13.11
C CYS B 746 4.93 -25.46 -13.57
N LEU B 747 4.99 -26.60 -14.24
CA LEU B 747 6.29 -27.12 -14.69
C LEU B 747 6.96 -26.07 -15.57
N ALA B 748 6.22 -25.58 -16.56
CA ALA B 748 6.72 -24.57 -17.52
C ALA B 748 7.42 -23.44 -16.77
N ILE B 749 6.74 -22.91 -15.79
CA ILE B 749 7.39 -21.72 -15.20
C ILE B 749 8.57 -22.17 -14.38
N LEU B 750 8.47 -23.30 -13.71
CA LEU B 750 9.66 -23.82 -12.99
C LEU B 750 10.81 -24.03 -13.97
N LYS B 751 10.44 -24.59 -15.10
CA LYS B 751 11.40 -25.02 -16.13
C LYS B 751 12.26 -23.85 -16.53
N GLY B 752 11.64 -22.77 -16.97
CA GLY B 752 12.41 -21.61 -17.43
C GLY B 752 13.27 -21.07 -16.31
N ILE B 753 12.73 -21.02 -15.13
CA ILE B 753 13.47 -20.56 -13.95
C ILE B 753 14.64 -21.49 -13.63
N PHE B 754 14.59 -22.79 -13.94
CA PHE B 754 15.73 -23.60 -13.46
C PHE B 754 16.30 -24.54 -14.51
N GLY B 755 15.84 -24.43 -15.74
CA GLY B 755 16.34 -25.26 -16.85
C GLY B 755 15.36 -26.37 -17.14
N SER B 756 15.30 -26.84 -18.38
CA SER B 756 14.30 -27.87 -18.75
C SER B 756 14.81 -29.29 -18.51
N SER B 757 15.96 -29.45 -17.89
CA SER B 757 16.51 -30.81 -17.67
C SER B 757 16.73 -31.05 -16.18
N ALA B 758 16.23 -30.15 -15.34
CA ALA B 758 16.39 -30.31 -13.88
C ALA B 758 15.01 -30.41 -13.22
N VAL B 759 13.95 -30.21 -14.01
CA VAL B 759 12.55 -30.25 -13.50
C VAL B 759 11.88 -31.50 -14.05
N PRO B 760 11.88 -32.62 -13.31
CA PRO B 760 11.28 -33.85 -13.80
C PRO B 760 9.78 -33.85 -13.57
N GLN B 761 9.07 -34.82 -14.14
CA GLN B 761 7.62 -34.88 -13.89
C GLN B 761 7.42 -35.15 -12.40
N PRO B 762 6.45 -34.51 -11.73
CA PRO B 762 6.25 -34.70 -10.31
C PRO B 762 5.56 -36.04 -10.07
N LYS B 763 5.87 -36.68 -8.95
CA LYS B 763 5.25 -37.99 -8.65
C LYS B 763 3.78 -37.79 -8.34
N GLU B 764 3.49 -37.19 -7.19
CA GLU B 764 2.09 -36.95 -6.75
C GLU B 764 1.77 -35.44 -6.81
N THR B 765 0.61 -35.12 -7.38
CA THR B 765 0.12 -33.75 -7.52
C THR B 765 -1.33 -33.59 -7.05
N VAL B 766 -1.56 -32.48 -6.33
CA VAL B 766 -2.84 -32.10 -5.75
C VAL B 766 -3.13 -30.64 -6.07
N VAL B 767 -4.37 -30.36 -6.43
CA VAL B 767 -4.86 -29.00 -6.64
C VAL B 767 -6.11 -28.78 -5.79
N SER B 768 -6.21 -27.63 -5.12
CA SER B 768 -7.40 -27.32 -4.34
C SER B 768 -8.40 -26.59 -5.20
N ARG B 769 -9.60 -26.40 -4.67
CA ARG B 769 -10.69 -25.69 -5.40
C ARG B 769 -11.68 -25.20 -4.35
N TRP B 770 -11.17 -24.41 -3.41
CA TRP B 770 -11.97 -23.89 -2.26
C TRP B 770 -13.31 -23.34 -2.70
N ARG B 771 -13.37 -22.36 -3.59
CA ARG B 771 -14.68 -21.77 -3.91
C ARG B 771 -15.55 -22.80 -4.60
N ALA B 772 -14.95 -23.92 -4.98
CA ALA B 772 -15.73 -24.99 -5.63
C ALA B 772 -16.23 -25.91 -4.54
N ASP B 773 -15.47 -26.04 -3.47
CA ASP B 773 -15.86 -26.94 -2.35
C ASP B 773 -17.20 -26.46 -1.84
N PRO B 774 -18.17 -27.35 -1.60
CA PRO B 774 -19.49 -26.95 -1.14
C PRO B 774 -19.54 -26.69 0.36
N TRP B 775 -18.52 -27.11 1.10
CA TRP B 775 -18.49 -26.88 2.57
C TRP B 775 -17.63 -25.66 2.88
N ALA B 776 -17.11 -24.98 1.87
CA ALA B 776 -16.33 -23.76 2.12
C ALA B 776 -16.82 -22.64 1.22
N ARG B 777 -17.06 -22.97 -0.04
CA ARG B 777 -17.48 -21.99 -1.07
C ARG B 777 -16.53 -20.80 -0.99
N GLY B 778 -15.24 -21.06 -0.78
CA GLY B 778 -14.34 -19.91 -0.63
C GLY B 778 -13.21 -20.22 0.31
N SER B 779 -12.26 -19.31 0.48
CA SER B 779 -11.10 -19.61 1.34
C SER B 779 -11.32 -19.01 2.72
N TYR B 780 -11.61 -17.71 2.76
CA TYR B 780 -11.81 -16.98 4.00
C TYR B 780 -12.34 -15.59 3.66
N SER B 781 -12.63 -14.81 4.68
CA SER B 781 -13.39 -13.59 4.48
C SER B 781 -12.47 -12.38 4.36
N TYR B 782 -13.00 -11.33 3.76
CA TYR B 782 -12.26 -10.10 3.58
C TYR B 782 -13.24 -8.98 3.82
N VAL B 783 -12.74 -7.77 4.07
CA VAL B 783 -13.63 -6.65 4.30
C VAL B 783 -13.96 -6.11 2.91
N ALA B 784 -15.13 -6.44 2.41
CA ALA B 784 -15.49 -6.03 1.07
C ALA B 784 -15.91 -4.58 1.08
N ALA B 785 -15.78 -3.94 -0.08
CA ALA B 785 -16.22 -2.55 -0.20
C ALA B 785 -17.70 -2.46 0.15
N GLY B 786 -18.06 -1.41 0.86
CA GLY B 786 -19.39 -1.30 1.40
C GLY B 786 -19.61 -2.02 2.71
N SER B 787 -18.74 -2.95 3.08
CA SER B 787 -18.77 -3.58 4.40
C SER B 787 -17.90 -2.76 5.33
N SER B 788 -17.89 -3.13 6.60
CA SER B 788 -16.96 -2.56 7.56
C SER B 788 -16.56 -3.63 8.54
N GLY B 789 -15.83 -3.24 9.57
CA GLY B 789 -15.56 -4.20 10.60
C GLY B 789 -16.79 -4.45 11.41
N ASN B 790 -17.72 -3.50 11.42
CA ASN B 790 -18.93 -3.66 12.20
C ASN B 790 -19.69 -4.95 11.80
N ASP B 791 -19.61 -5.36 10.54
CA ASP B 791 -20.33 -6.55 10.11
C ASP B 791 -19.79 -7.78 10.81
N TYR B 792 -18.49 -7.82 11.06
CA TYR B 792 -17.90 -8.96 11.77
C TYR B 792 -18.49 -9.10 13.16
N ASP B 793 -18.96 -8.00 13.76
CA ASP B 793 -19.64 -8.08 15.05
C ASP B 793 -21.08 -8.55 14.89
N LEU B 794 -21.86 -7.91 14.02
CA LEU B 794 -23.16 -8.47 13.64
C LEU B 794 -23.14 -9.98 13.44
N MET B 795 -22.19 -10.52 12.65
CA MET B 795 -22.12 -11.98 12.50
C MET B 795 -22.10 -12.70 13.83
N ALA B 796 -21.51 -12.08 14.86
CA ALA B 796 -21.35 -12.83 16.09
C ALA B 796 -22.52 -12.68 17.08
N GLN B 797 -23.40 -11.67 16.92
CA GLN B 797 -24.57 -11.56 17.81
C GLN B 797 -25.43 -12.80 17.67
N PRO B 798 -25.91 -13.38 18.77
CA PRO B 798 -26.77 -14.55 18.69
C PRO B 798 -28.19 -14.17 18.30
N ILE B 799 -29.00 -15.19 18.00
CA ILE B 799 -30.42 -14.87 17.65
C ILE B 799 -31.32 -15.38 18.76
N THR B 800 -32.17 -14.50 19.28
CA THR B 800 -33.14 -14.88 20.32
C THR B 800 -34.47 -15.02 19.61
N PRO B 801 -35.08 -16.21 19.61
CA PRO B 801 -36.31 -16.44 18.88
C PRO B 801 -37.52 -15.79 19.54
N GLY B 802 -38.62 -15.69 18.81
CA GLY B 802 -39.84 -15.07 19.35
C GLY B 802 -40.51 -15.94 20.39
N PRO B 803 -41.43 -15.40 21.20
CA PRO B 803 -42.06 -16.20 22.24
C PRO B 803 -43.03 -17.13 21.54
N SER B 804 -43.17 -18.37 22.05
CA SER B 804 -44.10 -19.33 21.44
C SER B 804 -45.53 -18.84 21.70
N ILE B 805 -45.95 -18.87 22.95
CA ILE B 805 -47.31 -18.38 23.33
C ILE B 805 -47.22 -16.86 23.43
N PRO B 806 -47.95 -16.08 22.62
CA PRO B 806 -47.86 -14.62 22.69
C PRO B 806 -48.26 -14.19 24.11
N GLY B 807 -47.49 -13.29 24.69
CA GLY B 807 -47.76 -12.86 26.07
C GLY B 807 -46.73 -13.47 27.00
N ALA B 808 -45.93 -14.40 26.49
CA ALA B 808 -44.88 -15.01 27.33
C ALA B 808 -43.70 -14.05 27.40
N PRO B 809 -42.79 -14.21 28.36
CA PRO B 809 -41.69 -13.30 28.50
C PRO B 809 -40.63 -13.63 27.46
N GLN B 810 -39.79 -12.64 27.15
CA GLN B 810 -38.69 -12.80 26.17
C GLN B 810 -37.88 -14.03 26.55
N PRO B 811 -37.52 -14.88 25.57
CA PRO B 811 -36.79 -16.09 25.88
C PRO B 811 -35.27 -15.91 26.04
N ILE B 812 -34.59 -17.03 25.90
CA ILE B 812 -33.10 -17.09 25.96
C ILE B 812 -32.60 -17.06 24.52
N PRO B 813 -31.37 -16.63 24.23
CA PRO B 813 -30.86 -16.68 22.89
C PRO B 813 -30.61 -18.17 22.64
N ARG B 814 -30.93 -18.68 21.45
CA ARG B 814 -30.75 -20.13 21.23
C ARG B 814 -29.73 -20.37 20.13
N LEU B 815 -29.62 -19.45 19.19
CA LEU B 815 -28.71 -19.67 18.04
C LEU B 815 -27.48 -18.80 18.18
N PHE B 816 -26.29 -19.42 18.22
CA PHE B 816 -25.02 -18.72 18.37
C PHE B 816 -24.08 -18.90 17.16
N PHE B 817 -23.19 -17.95 16.93
CA PHE B 817 -22.28 -18.04 15.81
C PHE B 817 -20.81 -17.90 16.20
N ALA B 818 -19.99 -18.69 15.54
CA ALA B 818 -18.54 -18.66 15.81
C ALA B 818 -17.81 -18.89 14.50
N GLY B 819 -16.50 -18.73 14.51
CA GLY B 819 -15.75 -18.97 13.26
C GLY B 819 -15.02 -17.73 12.84
N GLU B 820 -14.13 -17.89 11.86
CA GLU B 820 -13.23 -16.85 11.30
C GLU B 820 -13.95 -15.56 10.96
N HIS B 821 -15.16 -15.62 10.42
CA HIS B 821 -15.89 -14.39 10.02
C HIS B 821 -16.66 -13.75 11.17
N THR B 822 -16.43 -14.13 12.43
CA THR B 822 -17.19 -13.54 13.56
C THR B 822 -16.25 -12.74 14.46
N ILE B 823 -14.98 -13.10 14.48
CA ILE B 823 -14.03 -12.39 15.37
C ILE B 823 -13.49 -11.20 14.60
N ARG B 824 -14.05 -10.02 14.89
CA ARG B 824 -13.73 -8.78 14.13
C ARG B 824 -12.29 -8.33 14.30
N ASN B 825 -11.61 -8.73 15.36
CA ASN B 825 -10.24 -8.19 15.56
C ASN B 825 -9.19 -9.15 15.02
N TYR B 826 -9.53 -10.40 14.75
CA TYR B 826 -8.50 -11.34 14.28
C TYR B 826 -9.08 -12.25 13.20
N PRO B 827 -9.82 -11.74 12.19
CA PRO B 827 -10.43 -12.60 11.18
C PRO B 827 -9.53 -13.32 10.19
N ALA B 828 -10.19 -14.06 9.30
CA ALA B 828 -9.53 -14.82 8.22
C ALA B 828 -8.35 -15.63 8.74
N THR B 829 -8.28 -16.02 10.02
CA THR B 829 -7.13 -16.78 10.49
C THR B 829 -7.56 -17.98 11.33
N VAL B 830 -6.60 -18.83 11.63
CA VAL B 830 -6.91 -20.01 12.47
C VAL B 830 -7.00 -19.51 13.90
N HIS B 831 -6.11 -18.62 14.30
CA HIS B 831 -6.19 -18.13 15.70
C HIS B 831 -7.52 -17.42 15.88
N GLY B 832 -7.93 -16.60 14.93
CA GLY B 832 -9.21 -15.90 15.05
C GLY B 832 -10.34 -16.88 15.24
N ALA B 833 -10.35 -17.93 14.42
CA ALA B 833 -11.38 -18.98 14.51
C ALA B 833 -11.38 -19.49 15.94
N LEU B 834 -10.23 -19.97 16.38
CA LEU B 834 -10.05 -20.53 17.73
C LEU B 834 -10.58 -19.54 18.76
N LEU B 835 -10.18 -18.28 18.69
CA LEU B 835 -10.68 -17.32 19.68
C LEU B 835 -12.20 -17.22 19.59
N SER B 836 -12.75 -17.20 18.39
CA SER B 836 -14.24 -17.12 18.27
C SER B 836 -14.83 -18.32 18.97
N GLY B 837 -14.31 -19.50 18.72
CA GLY B 837 -14.84 -20.70 19.40
C GLY B 837 -14.79 -20.55 20.91
N LEU B 838 -13.68 -20.08 21.46
CA LEU B 838 -13.61 -19.95 22.92
C LEU B 838 -14.66 -18.95 23.35
N ARG B 839 -14.78 -17.87 22.60
CA ARG B 839 -15.70 -16.79 22.96
C ARG B 839 -17.12 -17.30 23.15
N GLU B 840 -17.63 -18.01 22.16
CA GLU B 840 -19.04 -18.46 22.23
C GLU B 840 -19.18 -19.48 23.36
N ALA B 841 -18.16 -20.26 23.64
CA ALA B 841 -18.31 -21.25 24.71
C ALA B 841 -18.58 -20.52 26.01
N GLY B 842 -17.82 -19.47 26.29
CA GLY B 842 -18.10 -18.73 27.52
C GLY B 842 -19.47 -18.09 27.42
N ARG B 843 -19.79 -17.53 26.28
CA ARG B 843 -21.10 -16.84 26.16
C ARG B 843 -22.22 -17.85 26.35
N ILE B 844 -22.09 -19.02 25.73
CA ILE B 844 -23.16 -20.06 25.87
C ILE B 844 -23.20 -20.54 27.31
N ALA B 845 -22.06 -20.79 27.91
CA ALA B 845 -22.04 -21.31 29.29
C ALA B 845 -22.73 -20.30 30.19
N ASP B 846 -22.27 -19.05 30.15
CA ASP B 846 -22.83 -17.98 30.99
C ASP B 846 -24.35 -17.99 30.93
N GLN B 847 -24.90 -18.43 29.82
CA GLN B 847 -26.34 -18.41 29.59
C GLN B 847 -27.04 -19.58 30.24
N PHE B 848 -26.51 -20.79 30.02
CA PHE B 848 -27.22 -21.99 30.51
C PHE B 848 -26.60 -22.55 31.77
N LEU B 849 -25.40 -22.10 32.12
CA LEU B 849 -24.80 -22.63 33.36
C LEU B 849 -24.88 -21.55 34.42
N GLY B 850 -25.03 -20.30 34.01
CA GLY B 850 -25.16 -19.19 34.96
C GLY B 850 -23.83 -18.67 35.42
N ALA B 851 -23.56 -17.40 35.18
CA ALA B 851 -22.27 -16.84 35.63
C ALA B 851 -22.41 -16.45 37.09
N MET B 852 -21.73 -17.16 37.99
CA MET B 852 -21.82 -16.79 39.43
C MET B 852 -20.56 -16.04 39.83
N TYR B 853 -19.89 -15.42 38.86
CA TYR B 853 -18.64 -14.66 39.11
C TYR B 853 -18.89 -13.18 38.88
N THR B 854 -20.15 -12.75 38.92
CA THR B 854 -20.41 -11.31 38.68
C THR B 854 -20.97 -10.66 39.95
N LEU B 855 -20.96 -11.39 41.06
CA LEU B 855 -21.43 -10.80 42.33
C LEU B 855 -20.28 -10.21 43.19
N ARG C 12 -0.73 14.17 8.01
CA ARG C 12 -0.98 15.50 7.45
C ARG C 12 -0.69 15.57 5.93
N LYS C 13 0.30 14.86 5.44
CA LYS C 13 0.82 15.09 4.10
C LYS C 13 1.20 13.75 3.44
N PRO C 14 1.23 13.74 2.10
CA PRO C 14 1.38 12.44 1.36
C PRO C 14 2.70 11.77 1.67
N PRO C 15 2.98 10.61 1.06
CA PRO C 15 4.38 10.20 0.94
C PRO C 15 5.09 11.23 0.10
N LYS C 16 6.41 11.32 0.29
CA LYS C 16 7.24 12.28 -0.47
C LYS C 16 7.41 11.75 -1.90
N GLY C 17 7.26 12.65 -2.88
CA GLY C 17 7.40 12.23 -4.29
C GLY C 17 6.05 11.99 -4.92
N MET C 18 5.11 11.42 -4.17
CA MET C 18 3.77 11.15 -4.73
C MET C 18 3.06 12.48 -4.91
N PHE C 19 2.32 12.65 -5.99
CA PHE C 19 1.54 13.90 -6.10
C PHE C 19 0.07 13.56 -6.05
N LEU C 20 -0.63 14.18 -5.12
CA LEU C 20 -2.09 13.97 -4.96
C LEU C 20 -2.67 15.34 -4.62
N SER C 21 -3.78 15.71 -5.23
CA SER C 21 -4.35 17.03 -4.89
C SER C 21 -5.86 16.95 -5.09
N GLN C 22 -6.61 17.56 -4.18
CA GLN C 22 -8.10 17.57 -4.23
C GLN C 22 -8.52 17.94 -5.65
N GLU C 23 -8.05 19.08 -6.13
CA GLU C 23 -8.34 19.55 -7.51
C GLU C 23 -7.99 18.43 -8.49
N ASP C 24 -6.79 17.88 -8.39
CA ASP C 24 -6.37 16.82 -9.34
C ASP C 24 -7.26 15.58 -9.20
N VAL C 25 -7.50 15.12 -7.98
CA VAL C 25 -8.17 13.84 -7.81
C VAL C 25 -9.56 13.88 -8.45
N GLU C 26 -10.32 14.96 -8.18
CA GLU C 26 -11.65 15.10 -8.76
C GLU C 26 -11.61 15.04 -10.28
N ALA C 27 -10.58 15.63 -10.88
CA ALA C 27 -10.48 15.74 -12.34
C ALA C 27 -10.17 14.42 -13.02
N VAL C 28 -9.61 13.45 -12.29
CA VAL C 28 -9.32 12.14 -12.86
C VAL C 28 -10.40 11.13 -12.51
N SER C 29 -11.36 11.51 -11.65
CA SER C 29 -12.52 10.68 -11.31
C SER C 29 -13.82 11.14 -11.96
N ALA C 30 -13.89 12.38 -12.47
CA ALA C 30 -15.15 13.00 -12.87
C ALA C 30 -15.99 12.15 -13.82
N ASN C 31 -15.35 11.23 -14.55
CA ASN C 31 -16.08 10.22 -15.30
C ASN C 31 -15.16 9.03 -15.57
N ALA C 32 -15.60 8.14 -16.47
CA ALA C 32 -14.95 6.86 -16.75
C ALA C 32 -13.56 7.05 -17.32
N THR C 33 -13.48 7.57 -18.54
CA THR C 33 -12.22 7.89 -19.20
C THR C 33 -11.80 9.35 -18.99
N ALA C 34 -12.26 10.00 -17.92
CA ALA C 34 -11.67 11.28 -17.51
C ALA C 34 -10.22 11.12 -17.08
N ALA C 35 -9.81 9.88 -16.81
CA ALA C 35 -8.39 9.59 -16.62
C ALA C 35 -7.66 9.63 -17.95
N THR C 36 -8.06 8.76 -18.88
CA THR C 36 -7.37 8.67 -20.16
C THR C 36 -7.42 9.99 -20.92
N THR C 37 -8.52 10.73 -20.79
CA THR C 37 -8.64 12.06 -21.39
C THR C 37 -7.48 12.95 -20.95
N VAL C 38 -7.42 13.31 -19.66
CA VAL C 38 -6.44 14.27 -19.16
C VAL C 38 -5.01 13.85 -19.49
N LEU C 39 -4.75 12.56 -19.66
CA LEU C 39 -3.41 12.11 -20.02
C LEU C 39 -3.17 12.09 -21.53
N ARG C 40 -4.07 12.68 -22.33
CA ARG C 40 -3.82 12.92 -23.74
C ARG C 40 -3.74 14.39 -24.09
N GLN C 41 -4.53 15.26 -23.46
CA GLN C 41 -4.23 16.69 -23.53
C GLN C 41 -2.83 16.97 -23.05
N LEU C 42 -2.21 16.06 -22.29
CA LEU C 42 -0.83 16.22 -21.91
C LEU C 42 0.13 15.49 -22.84
N ASP C 43 -0.27 14.38 -23.46
CA ASP C 43 0.58 13.82 -24.51
C ASP C 43 0.59 14.70 -25.74
N MET C 44 -0.49 15.45 -25.99
CA MET C 44 -0.51 16.37 -27.11
C MET C 44 0.18 17.69 -26.76
N GLU C 45 -0.17 18.30 -25.62
CA GLU C 45 0.59 19.45 -25.12
C GLU C 45 2.10 19.20 -25.16
N LEU C 46 2.51 17.94 -25.08
CA LEU C 46 3.93 17.66 -25.06
C LEU C 46 4.51 17.70 -26.46
N VAL C 47 3.84 17.03 -27.41
CA VAL C 47 4.34 17.06 -28.80
C VAL C 47 4.24 18.47 -29.38
N SER C 48 3.14 19.17 -29.08
CA SER C 48 3.01 20.59 -29.41
C SER C 48 4.25 21.38 -29.04
N VAL C 49 4.62 21.38 -27.76
CA VAL C 49 5.77 22.14 -27.29
C VAL C 49 7.07 21.53 -27.80
N LYS C 50 7.04 20.29 -28.26
CA LYS C 50 8.31 19.66 -28.58
C LYS C 50 8.77 20.03 -29.98
N ARG C 51 7.85 20.14 -30.94
CA ARG C 51 8.25 20.59 -32.26
C ARG C 51 8.32 22.09 -32.36
N GLN C 52 7.59 22.82 -31.51
CA GLN C 52 7.86 24.24 -31.35
C GLN C 52 9.33 24.47 -30.99
N ILE C 53 9.96 23.55 -30.26
CA ILE C 53 11.39 23.71 -30.00
C ILE C 53 12.19 23.49 -31.27
N GLN C 54 12.03 22.36 -31.95
CA GLN C 54 12.82 22.16 -33.17
C GLN C 54 12.61 23.25 -34.21
N ASN C 55 11.60 24.09 -34.05
CA ASN C 55 11.29 25.12 -35.01
C ASN C 55 11.86 26.48 -34.63
N ILE C 56 12.03 26.77 -33.33
CA ILE C 56 12.89 27.88 -32.94
C ILE C 56 14.34 27.45 -32.92
N LYS C 57 14.61 26.18 -32.64
CA LYS C 57 15.97 25.65 -32.76
C LYS C 57 16.43 25.71 -34.20
N GLN C 58 15.47 25.75 -35.13
CA GLN C 58 15.69 25.81 -36.57
C GLN C 58 15.87 27.25 -37.04
N THR C 59 14.90 28.12 -36.71
CA THR C 59 15.06 29.56 -36.87
C THR C 59 16.37 30.09 -36.29
N ASN C 60 16.62 29.74 -35.03
CA ASN C 60 17.87 30.21 -34.37
C ASN C 60 19.07 29.67 -35.14
N SER C 61 18.90 28.64 -35.95
CA SER C 61 20.10 28.15 -36.66
C SER C 61 20.41 29.10 -37.81
N ALA C 62 19.37 29.56 -38.49
CA ALA C 62 19.55 30.48 -39.63
C ALA C 62 20.35 31.68 -39.14
N LEU C 63 19.79 32.39 -38.15
CA LEU C 63 20.42 33.60 -37.58
C LEU C 63 21.87 33.27 -37.23
N LYS C 64 22.15 32.01 -36.95
CA LYS C 64 23.56 31.69 -36.63
C LYS C 64 24.35 31.78 -37.93
N GLU C 65 23.81 31.21 -38.99
CA GLU C 65 24.53 31.21 -40.29
C GLU C 65 24.85 32.63 -40.72
N LYS C 66 23.89 33.56 -40.59
CA LYS C 66 24.09 34.97 -40.98
C LYS C 66 25.21 35.67 -40.18
N LEU C 67 25.50 35.23 -38.95
CA LEU C 67 26.57 35.86 -38.14
C LEU C 67 27.95 35.22 -38.42
N ASP C 68 28.09 34.43 -39.48
CA ASP C 68 29.38 33.76 -39.80
C ASP C 68 30.49 34.81 -39.81
N GLY C 69 31.53 34.58 -39.00
CA GLY C 69 32.68 35.52 -38.96
C GLY C 69 32.48 36.63 -37.95
N GLY C 70 31.30 36.73 -37.35
CA GLY C 70 31.08 37.79 -36.37
C GLY C 70 31.31 39.15 -37.00
N ILE C 71 32.02 40.04 -36.29
CA ILE C 71 32.29 41.41 -36.80
C ILE C 71 33.80 41.65 -36.80
N GLU C 72 34.60 40.58 -36.80
CA GLU C 72 36.07 40.76 -36.76
C GLU C 72 36.53 41.65 -37.90
N PRO C 73 36.10 41.45 -39.15
CA PRO C 73 36.52 42.29 -40.26
C PRO C 73 36.13 43.76 -40.10
N TYR C 74 35.01 44.01 -39.44
CA TYR C 74 34.50 45.39 -39.31
C TYR C 74 35.04 46.02 -38.03
N ARG C 75 35.95 45.36 -37.35
CA ARG C 75 36.38 45.97 -36.08
C ARG C 75 37.46 46.99 -36.32
N LEU C 76 37.69 47.82 -35.34
CA LEU C 76 38.68 48.91 -35.53
C LEU C 76 39.68 48.92 -34.38
N PRO C 77 40.94 49.28 -34.63
CA PRO C 77 41.96 49.29 -33.59
C PRO C 77 41.66 50.33 -32.52
N GLU C 78 42.05 50.03 -31.29
CA GLU C 78 41.86 50.94 -30.12
C GLU C 78 42.80 52.13 -30.28
N VAL C 79 42.39 53.30 -29.77
CA VAL C 79 43.25 54.51 -29.85
C VAL C 79 43.79 54.79 -28.46
N ILE C 80 45.11 54.79 -28.30
CA ILE C 80 45.72 55.09 -26.97
C ILE C 80 46.38 56.46 -27.08
N GLN C 81 45.92 57.43 -26.29
CA GLN C 81 46.45 58.79 -26.37
C GLN C 81 46.31 59.52 -25.04
N LYS C 82 47.42 60.12 -24.61
CA LYS C 82 47.53 60.71 -23.28
C LYS C 82 46.67 61.97 -23.20
N CYS C 83 45.84 62.04 -22.17
CA CYS C 83 44.79 63.05 -22.05
C CYS C 83 45.38 64.39 -21.64
N ASN C 84 45.28 65.40 -22.51
CA ASN C 84 45.96 66.69 -22.39
C ASN C 84 45.05 67.73 -21.73
N ALA C 85 45.54 68.97 -21.64
CA ALA C 85 44.86 70.01 -20.88
C ALA C 85 44.51 71.23 -21.71
N ARG C 86 45.41 71.70 -22.58
CA ARG C 86 45.13 72.86 -23.42
C ARG C 86 44.21 72.48 -24.58
N TRP C 87 43.48 73.48 -25.08
CA TRP C 87 42.40 73.31 -26.05
C TRP C 87 42.80 73.89 -27.41
N THR C 88 43.55 73.12 -28.22
CA THR C 88 43.87 73.62 -29.55
C THR C 88 42.58 74.02 -30.25
N THR C 89 42.63 75.13 -30.99
CA THR C 89 41.45 75.61 -31.68
C THR C 89 40.81 74.53 -32.54
N GLU C 90 41.64 73.63 -33.10
CA GLU C 90 41.12 72.40 -33.68
C GLU C 90 40.17 71.72 -32.69
N GLU C 91 40.68 71.39 -31.49
CA GLU C 91 39.87 70.64 -30.53
C GLU C 91 38.66 71.43 -30.09
N GLN C 92 38.76 72.75 -30.02
CA GLN C 92 37.58 73.56 -29.70
C GLN C 92 36.48 73.34 -30.73
N LEU C 93 36.85 73.15 -32.00
CA LEU C 93 35.84 73.08 -33.06
C LEU C 93 35.25 71.68 -33.14
N LEU C 94 36.08 70.64 -32.99
CA LEU C 94 35.53 69.30 -32.79
C LEU C 94 34.50 69.30 -31.68
N ALA C 95 34.74 70.09 -30.63
CA ALA C 95 33.82 70.16 -29.50
C ALA C 95 32.46 70.64 -29.94
N VAL C 96 32.38 71.90 -30.43
CA VAL C 96 31.11 72.46 -30.85
C VAL C 96 30.33 71.53 -31.78
N GLN C 97 31.01 70.93 -32.75
CA GLN C 97 30.28 70.03 -33.65
C GLN C 97 29.85 68.78 -32.94
N ALA C 98 30.62 68.33 -31.94
CA ALA C 98 30.22 67.17 -31.16
C ALA C 98 29.00 67.50 -30.31
N ILE C 99 28.96 68.68 -29.72
CA ILE C 99 27.79 68.96 -28.85
C ILE C 99 26.51 68.98 -29.69
N ARG C 100 26.63 69.06 -31.01
CA ARG C 100 25.39 69.18 -31.84
C ARG C 100 24.93 67.81 -32.32
N LYS C 101 25.74 66.78 -32.14
CA LYS C 101 25.28 65.46 -32.64
C LYS C 101 25.16 64.49 -31.48
N TYR C 102 25.55 64.94 -30.30
CA TYR C 102 25.49 63.92 -29.25
C TYR C 102 24.69 64.46 -28.07
N GLY C 103 24.12 65.64 -28.17
CA GLY C 103 23.36 66.11 -27.00
C GLY C 103 24.21 66.25 -25.76
N ARG C 104 23.85 65.57 -24.67
CA ARG C 104 24.62 65.72 -23.42
C ARG C 104 25.41 64.46 -23.14
N ASP C 105 25.58 63.56 -24.09
CA ASP C 105 26.28 62.30 -23.80
C ASP C 105 27.78 62.55 -23.76
N PHE C 106 28.25 63.07 -22.66
CA PHE C 106 29.64 63.53 -22.57
C PHE C 106 30.57 62.39 -22.82
N GLN C 107 30.12 61.19 -22.57
CA GLN C 107 31.01 60.04 -22.74
C GLN C 107 31.35 59.97 -24.21
N ALA C 108 30.35 60.01 -25.06
CA ALA C 108 30.66 59.93 -26.50
C ALA C 108 31.44 61.16 -26.88
N ILE C 109 31.01 62.31 -26.38
CA ILE C 109 31.72 63.55 -26.73
C ILE C 109 33.15 63.45 -26.30
N SER C 110 33.46 62.95 -25.12
CA SER C 110 34.90 62.79 -24.83
C SER C 110 35.46 61.76 -25.77
N ASP C 111 34.75 60.69 -26.07
CA ASP C 111 35.35 59.68 -26.96
C ASP C 111 35.64 60.28 -28.31
N VAL C 112 34.77 61.12 -28.82
CA VAL C 112 35.05 61.74 -30.13
C VAL C 112 36.35 62.48 -30.06
N ILE C 113 36.50 63.35 -29.08
CA ILE C 113 37.74 64.15 -29.08
C ILE C 113 38.93 63.22 -28.88
N GLY C 114 38.82 62.32 -27.91
CA GLY C 114 39.85 61.31 -27.61
C GLY C 114 41.02 61.82 -26.80
N ASN C 115 41.01 63.10 -26.42
CA ASN C 115 42.15 63.63 -25.63
C ASN C 115 41.65 64.57 -24.54
N LYS C 116 40.35 64.55 -24.23
CA LYS C 116 39.89 65.46 -23.16
C LYS C 116 39.08 64.70 -22.12
N SER C 117 39.33 64.96 -20.84
CA SER C 117 38.64 64.35 -19.68
C SER C 117 37.14 64.62 -19.77
N VAL C 118 36.31 63.63 -19.44
CA VAL C 118 34.87 63.88 -19.44
C VAL C 118 34.51 65.13 -18.62
N VAL C 119 35.42 65.59 -17.77
CA VAL C 119 35.21 66.76 -16.94
C VAL C 119 35.77 68.02 -17.59
N GLN C 120 36.93 67.91 -18.27
CA GLN C 120 37.34 69.02 -19.12
C GLN C 120 36.23 69.33 -20.11
N VAL C 121 35.52 68.30 -20.57
CA VAL C 121 34.33 68.51 -21.41
C VAL C 121 33.29 69.33 -20.66
N LYS C 122 32.95 68.90 -19.44
CA LYS C 122 32.00 69.66 -18.63
C LYS C 122 32.48 71.09 -18.42
N ASN C 123 33.77 71.25 -18.10
CA ASN C 123 34.33 72.58 -17.87
C ASN C 123 34.14 73.47 -19.09
N PHE C 124 34.57 72.96 -20.25
CA PHE C 124 34.38 73.57 -21.56
C PHE C 124 32.99 74.20 -21.66
N PHE C 125 31.98 73.44 -21.22
CA PHE C 125 30.59 73.84 -21.37
C PHE C 125 30.30 75.19 -20.75
N VAL C 126 31.00 75.55 -19.69
CA VAL C 126 30.72 76.78 -18.98
C VAL C 126 31.71 77.88 -19.36
N ASN C 127 32.97 77.53 -19.54
CA ASN C 127 33.97 78.52 -19.93
C ASN C 127 33.60 79.16 -21.26
N TYR C 128 33.58 78.36 -22.32
CA TYR C 128 33.34 78.86 -23.66
C TYR C 128 31.84 78.94 -23.99
N ARG C 129 30.99 78.74 -23.00
CA ARG C 129 29.54 78.90 -23.08
C ARG C 129 29.05 80.13 -23.82
N ARG C 130 29.72 81.26 -23.60
CA ARG C 130 29.31 82.49 -24.24
C ARG C 130 29.76 82.55 -25.69
N ARG C 131 31.03 82.26 -25.90
CA ARG C 131 31.73 82.57 -27.14
C ARG C 131 31.40 81.57 -28.25
N PHE C 132 30.63 80.55 -27.85
CA PHE C 132 30.19 79.45 -28.74
C PHE C 132 28.66 79.28 -28.77
N ASN C 133 27.90 79.97 -27.94
CA ASN C 133 26.40 79.82 -27.93
C ASN C 133 25.95 78.35 -27.84
N ILE C 134 26.49 77.54 -26.95
CA ILE C 134 26.04 76.11 -26.90
C ILE C 134 24.56 76.00 -26.53
N ASP C 135 24.05 76.89 -25.68
CA ASP C 135 22.61 76.90 -25.31
C ASP C 135 21.83 76.81 -26.63
N GLU C 136 22.13 77.74 -27.52
CA GLU C 136 21.52 77.73 -28.87
C GLU C 136 21.81 76.38 -29.52
N VAL C 137 23.11 76.10 -29.68
CA VAL C 137 23.59 74.84 -30.30
C VAL C 137 22.87 73.71 -29.62
N LEU C 138 22.92 73.71 -28.29
CA LEU C 138 22.20 72.66 -27.59
C LEU C 138 20.71 72.68 -27.90
N GLN C 139 20.11 73.87 -28.06
CA GLN C 139 18.67 73.89 -28.31
C GLN C 139 18.35 73.29 -29.67
N GLU C 140 19.28 73.36 -30.61
CA GLU C 140 19.04 72.73 -31.90
C GLU C 140 19.32 71.25 -31.91
N TRP C 141 20.19 70.78 -31.01
CA TRP C 141 20.30 69.34 -30.78
C TRP C 141 18.97 68.76 -30.32
N GLU C 142 18.23 69.52 -29.51
CA GLU C 142 16.91 69.07 -29.08
C GLU C 142 15.89 69.11 -30.21
N ALA C 143 16.13 69.91 -31.25
CA ALA C 143 15.23 69.96 -32.41
C ALA C 143 15.28 68.68 -33.23
N GLU C 144 16.03 67.67 -32.77
CA GLU C 144 16.09 66.37 -33.43
C GLU C 144 15.71 65.28 -32.45
#